data_1TQD
#
_entry.id   1TQD
#
_cell.length_a   83.071
_cell.length_b   93.670
_cell.length_c   139.848
_cell.angle_alpha   90.00
_cell.angle_beta   90.00
_cell.angle_gamma   90.00
#
_symmetry.space_group_name_H-M   'P 21 21 21'
#
loop_
_entity.id
_entity.type
_entity.pdbx_description
1 polymer 'interferon-inducible GTPase'
2 non-polymer 'SULFATE ION'
3 non-polymer '2-(N-MORPHOLINO)-ETHANESULFONIC ACID'
4 water water
#
_entity_poly.entity_id   1
_entity_poly.type   'polypeptide(L)'
_entity_poly.pdbx_seq_one_letter_code
;MGQLFSSPKSDENNDLPSSFTGYFKKFNTGRKIISQEILNLIELRMRKGNIQLTNSAISDALKEIDSSVLNVAVTGETGS
GKSSFINTLRGIGNEEEGAAKTGVVEVTMERHPYKHPNIPNVVFWDLPGIGSTNFPPDTYLEKMKFYEYDFFIIISATRF
KKNDIDIAKAISMMKKEFYFVRTKVDSDITNEADGKPQTFDKEKVLQDIRLNCVNTFRENGIAEPPIFLLSNKNVCHYDF
PVLMDKLISDLPIYKRHNFMVSLPNITDSVIEKKRQFLKQRIWLEGFAADLVNIIPSLTFLLDSDLETLKKSMKFYRTVF
GVDETSLQRLARDWEIEVDQVEAMIKSPAVFKPTDEETIQERLSRYIQEFCLANGYLLPKNSFLKEIFYLKYYFLDMVTE
DAKTLLKEICLRN
;
_entity_poly.pdbx_strand_id   A,B
#
# COMPACT_ATOMS: atom_id res chain seq x y z
N ASN A 14 -20.74 -5.09 -19.89
CA ASN A 14 -21.61 -5.78 -20.89
C ASN A 14 -22.17 -7.09 -20.32
N ASP A 15 -21.30 -8.05 -20.08
CA ASP A 15 -21.73 -9.34 -19.54
C ASP A 15 -21.83 -9.31 -18.02
N LEU A 16 -22.27 -10.43 -17.43
CA LEU A 16 -22.42 -10.48 -15.98
C LEU A 16 -21.13 -10.26 -15.20
N PRO A 17 -20.05 -10.98 -15.55
CA PRO A 17 -18.79 -10.77 -14.83
C PRO A 17 -18.36 -9.31 -14.80
N SER A 18 -18.59 -8.63 -15.92
CA SER A 18 -18.25 -7.20 -16.07
C SER A 18 -19.19 -6.30 -15.29
N SER A 19 -20.44 -6.74 -15.16
CA SER A 19 -21.43 -5.96 -14.44
C SER A 19 -21.15 -6.02 -12.95
N PHE A 20 -20.68 -7.17 -12.48
CA PHE A 20 -20.38 -7.35 -11.08
C PHE A 20 -19.28 -6.39 -10.60
N THR A 21 -18.15 -6.36 -11.31
CA THR A 21 -17.05 -5.49 -10.92
C THR A 21 -17.30 -4.05 -11.33
N GLY A 22 -18.06 -3.86 -12.41
CA GLY A 22 -18.35 -2.52 -12.89
C GLY A 22 -19.12 -1.67 -11.90
N TYR A 23 -19.89 -2.33 -11.05
CA TYR A 23 -20.71 -1.66 -10.04
C TYR A 23 -19.83 -0.81 -9.13
N PHE A 24 -18.59 -1.26 -8.93
CA PHE A 24 -17.65 -0.54 -8.05
C PHE A 24 -16.81 0.55 -8.71
N LYS A 25 -17.01 0.78 -10.01
CA LYS A 25 -16.26 1.82 -10.71
C LYS A 25 -16.61 3.18 -10.12
N LYS A 26 -17.84 3.30 -9.62
CA LYS A 26 -18.30 4.56 -9.01
C LYS A 26 -17.46 4.97 -7.80
N PHE A 27 -16.88 4.00 -7.11
CA PHE A 27 -16.12 4.29 -5.90
C PHE A 27 -14.60 4.26 -6.01
N ASN A 28 -13.96 5.36 -5.60
CA ASN A 28 -12.50 5.45 -5.62
C ASN A 28 -11.86 4.56 -4.57
N THR A 29 -10.57 4.29 -4.74
CA THR A 29 -9.82 3.44 -3.84
C THR A 29 -10.19 3.60 -2.35
N GLY A 30 -10.38 4.84 -1.90
CA GLY A 30 -10.71 5.07 -0.50
C GLY A 30 -12.16 4.94 -0.10
N ARG A 31 -13.01 4.48 -1.03
CA ARG A 31 -14.43 4.31 -0.74
C ARG A 31 -14.95 2.91 -1.06
N LYS A 32 -14.03 2.02 -1.40
CA LYS A 32 -14.41 0.64 -1.69
C LYS A 32 -14.46 -0.13 -0.38
N ILE A 33 -15.38 -1.09 -0.27
CA ILE A 33 -15.39 -1.89 0.95
C ILE A 33 -14.69 -3.22 0.66
N ILE A 34 -14.13 -3.33 -0.54
CA ILE A 34 -13.41 -4.53 -0.96
C ILE A 34 -12.38 -4.10 -2.01
N SER A 35 -11.19 -4.70 -1.98
CA SER A 35 -10.13 -4.33 -2.91
C SER A 35 -10.33 -4.72 -4.39
N GLN A 36 -9.72 -3.94 -5.28
CA GLN A 36 -9.80 -4.22 -6.71
C GLN A 36 -9.14 -5.56 -6.97
N GLU A 37 -8.07 -5.85 -6.23
CA GLU A 37 -7.39 -7.11 -6.40
C GLU A 37 -8.37 -8.28 -6.24
N ILE A 38 -9.13 -8.27 -5.14
CA ILE A 38 -10.09 -9.33 -4.87
C ILE A 38 -11.24 -9.28 -5.88
N LEU A 39 -11.68 -8.08 -6.24
CA LEU A 39 -12.74 -7.93 -7.23
C LEU A 39 -12.28 -8.56 -8.55
N ASN A 40 -11.04 -8.30 -8.92
CA ASN A 40 -10.48 -8.85 -10.15
C ASN A 40 -10.39 -10.37 -10.05
N LEU A 41 -10.06 -10.86 -8.88
CA LEU A 41 -9.97 -12.29 -8.66
C LEU A 41 -11.34 -12.95 -8.82
N ILE A 42 -12.34 -12.35 -8.18
CA ILE A 42 -13.69 -12.87 -8.25
C ILE A 42 -14.14 -12.92 -9.71
N GLU A 43 -13.91 -11.84 -10.44
CA GLU A 43 -14.31 -11.81 -11.84
C GLU A 43 -13.63 -12.93 -12.63
N LEU A 44 -12.34 -13.17 -12.38
CA LEU A 44 -11.63 -14.25 -13.06
C LEU A 44 -12.36 -15.56 -12.83
N ARG A 45 -12.68 -15.85 -11.58
CA ARG A 45 -13.38 -17.08 -11.24
C ARG A 45 -14.75 -17.18 -11.88
N MET A 46 -15.41 -16.04 -12.07
CA MET A 46 -16.72 -16.06 -12.71
C MET A 46 -16.49 -16.41 -14.17
N ARG A 47 -15.43 -15.84 -14.75
CA ARG A 47 -15.11 -16.09 -16.14
C ARG A 47 -14.53 -17.48 -16.38
N LYS A 48 -14.00 -18.12 -15.33
CA LYS A 48 -13.44 -19.46 -15.49
C LYS A 48 -14.54 -20.49 -15.29
N GLY A 49 -15.69 -20.05 -14.80
CA GLY A 49 -16.78 -20.97 -14.56
C GLY A 49 -16.58 -21.64 -13.21
N ASN A 50 -15.59 -21.17 -12.46
CA ASN A 50 -15.30 -21.71 -11.13
C ASN A 50 -16.49 -21.33 -10.24
N ILE A 51 -17.64 -21.88 -10.61
CA ILE A 51 -18.94 -21.67 -9.98
C ILE A 51 -19.02 -21.90 -8.47
N GLN A 52 -17.89 -22.17 -7.82
CA GLN A 52 -17.92 -22.38 -6.38
C GLN A 52 -16.91 -21.47 -5.71
N LEU A 53 -15.73 -21.36 -6.32
CA LEU A 53 -14.68 -20.51 -5.81
C LEU A 53 -15.08 -19.03 -5.89
N THR A 54 -16.01 -18.71 -6.77
CA THR A 54 -16.45 -17.32 -6.91
C THR A 54 -17.37 -17.02 -5.74
N ASN A 55 -18.19 -17.99 -5.36
CA ASN A 55 -19.11 -17.82 -4.26
C ASN A 55 -18.41 -17.81 -2.91
N SER A 56 -17.33 -18.58 -2.78
CA SER A 56 -16.59 -18.65 -1.54
C SER A 56 -15.73 -17.38 -1.38
N ALA A 57 -15.24 -16.85 -2.49
CA ALA A 57 -14.43 -15.64 -2.42
C ALA A 57 -15.32 -14.52 -1.86
N ILE A 58 -16.49 -14.37 -2.47
CA ILE A 58 -17.45 -13.35 -2.04
C ILE A 58 -17.88 -13.63 -0.60
N SER A 59 -18.12 -14.90 -0.30
CA SER A 59 -18.55 -15.32 1.02
C SER A 59 -17.57 -14.95 2.12
N ASP A 60 -16.32 -15.33 1.93
CA ASP A 60 -15.29 -15.04 2.91
C ASP A 60 -15.06 -13.55 3.02
N ALA A 61 -15.18 -12.85 1.89
CA ALA A 61 -14.97 -11.40 1.87
C ALA A 61 -15.98 -10.71 2.77
N LEU A 62 -17.25 -11.11 2.66
CA LEU A 62 -18.32 -10.53 3.47
C LEU A 62 -18.14 -10.90 4.93
N LYS A 63 -17.68 -12.14 5.16
CA LYS A 63 -17.45 -12.62 6.51
C LYS A 63 -16.37 -11.79 7.18
N GLU A 64 -15.28 -11.56 6.45
CA GLU A 64 -14.16 -10.78 6.96
C GLU A 64 -14.60 -9.34 7.24
N ILE A 65 -15.54 -8.84 6.44
CA ILE A 65 -16.05 -7.49 6.60
C ILE A 65 -16.94 -7.39 7.82
N ASP A 66 -17.80 -8.40 8.01
CA ASP A 66 -18.72 -8.39 9.13
C ASP A 66 -18.08 -8.54 10.50
N SER A 67 -17.08 -9.41 10.60
CA SER A 67 -16.41 -9.68 11.88
C SER A 67 -15.30 -8.72 12.27
N SER A 68 -15.06 -7.71 11.44
CA SER A 68 -14.01 -6.74 11.69
C SER A 68 -14.26 -5.96 13.00
N VAL A 69 -13.23 -5.89 13.83
CA VAL A 69 -13.32 -5.18 15.11
C VAL A 69 -12.36 -3.99 15.09
N LEU A 70 -12.83 -2.85 15.58
CA LEU A 70 -12.00 -1.65 15.59
C LEU A 70 -11.75 -1.13 16.99
N ASN A 71 -10.48 -0.86 17.29
CA ASN A 71 -10.10 -0.33 18.59
C ASN A 71 -9.34 0.97 18.38
N VAL A 72 -9.94 2.07 18.81
CA VAL A 72 -9.32 3.39 18.65
C VAL A 72 -8.73 3.92 19.95
N ALA A 73 -7.43 4.17 19.97
CA ALA A 73 -6.81 4.71 21.17
C ALA A 73 -6.85 6.23 21.06
N VAL A 74 -7.30 6.89 22.14
CA VAL A 74 -7.39 8.35 22.19
C VAL A 74 -6.54 8.84 23.37
N THR A 75 -5.58 9.70 23.09
CA THR A 75 -4.71 10.21 24.14
C THR A 75 -4.53 11.72 24.05
N GLY A 76 -4.08 12.31 25.16
CA GLY A 76 -3.86 13.74 25.23
C GLY A 76 -3.77 14.18 26.69
N GLU A 77 -4.40 15.31 27.01
CA GLU A 77 -4.40 15.82 28.38
C GLU A 77 -5.83 15.87 28.94
N THR A 78 -5.95 16.00 30.26
CA THR A 78 -7.26 16.04 30.88
C THR A 78 -8.00 17.33 30.52
N GLY A 79 -9.31 17.23 30.33
CA GLY A 79 -10.09 18.41 29.99
C GLY A 79 -9.67 19.10 28.71
N SER A 80 -9.10 18.36 27.76
CA SER A 80 -8.67 18.95 26.49
C SER A 80 -9.49 18.42 25.31
N GLY A 81 -10.56 17.67 25.61
CA GLY A 81 -11.40 17.15 24.55
C GLY A 81 -11.58 15.65 24.45
N LYS A 82 -10.61 14.87 24.92
CA LYS A 82 -10.69 13.41 24.86
C LYS A 82 -12.08 12.84 25.03
N SER A 83 -12.72 13.17 26.14
CA SER A 83 -14.04 12.68 26.44
C SER A 83 -15.09 13.14 25.44
N SER A 84 -15.10 14.43 25.13
CA SER A 84 -16.07 14.95 24.16
C SER A 84 -15.87 14.30 22.81
N PHE A 85 -14.62 14.10 22.42
CA PHE A 85 -14.31 13.47 21.14
C PHE A 85 -14.93 12.07 21.13
N ILE A 86 -14.55 11.27 22.12
CA ILE A 86 -15.05 9.92 22.24
C ILE A 86 -16.59 9.88 22.22
N ASN A 87 -17.23 10.80 22.93
CA ASN A 87 -18.68 10.81 22.96
C ASN A 87 -19.35 11.26 21.67
N THR A 88 -18.84 12.30 21.02
CA THR A 88 -19.49 12.72 19.79
C THR A 88 -19.35 11.65 18.70
N LEU A 89 -18.26 10.90 18.70
CA LEU A 89 -18.10 9.86 17.70
C LEU A 89 -18.99 8.66 17.98
N ARG A 90 -19.45 8.55 19.23
CA ARG A 90 -20.32 7.46 19.62
C ARG A 90 -21.78 7.89 19.55
N GLY A 91 -21.99 9.17 19.25
CA GLY A 91 -23.34 9.70 19.15
C GLY A 91 -24.00 9.81 20.52
N ILE A 92 -23.20 10.00 21.56
CA ILE A 92 -23.71 10.12 22.93
C ILE A 92 -23.49 11.52 23.49
N GLY A 93 -24.50 12.05 24.18
CA GLY A 93 -24.39 13.37 24.77
C GLY A 93 -23.46 13.31 25.97
N ASN A 94 -22.68 14.37 26.18
CA ASN A 94 -21.73 14.39 27.29
C ASN A 94 -22.27 14.05 28.67
N GLU A 95 -23.47 14.51 29.00
CA GLU A 95 -24.03 14.20 30.30
C GLU A 95 -25.07 13.09 30.16
N GLU A 96 -25.01 12.38 29.03
CA GLU A 96 -25.92 11.28 28.73
C GLU A 96 -25.38 10.00 29.37
N GLU A 97 -26.23 8.99 29.52
CA GLU A 97 -25.77 7.75 30.11
C GLU A 97 -24.82 7.01 29.19
N GLY A 98 -23.71 6.55 29.75
CA GLY A 98 -22.72 5.85 28.97
C GLY A 98 -21.66 6.85 28.51
N ALA A 99 -21.98 8.13 28.64
CA ALA A 99 -21.07 9.19 28.23
C ALA A 99 -19.71 9.08 28.93
N ALA A 100 -18.65 9.03 28.14
CA ALA A 100 -17.30 8.93 28.66
C ALA A 100 -17.06 10.19 29.47
N LYS A 101 -16.53 10.04 30.67
CA LYS A 101 -16.29 11.22 31.48
C LYS A 101 -14.83 11.65 31.61
N THR A 102 -14.65 12.94 31.39
CA THR A 102 -13.37 13.62 31.41
C THR A 102 -12.35 13.17 32.44
N GLY A 103 -11.08 13.23 32.03
CA GLY A 103 -9.96 12.89 32.87
C GLY A 103 -9.97 11.61 33.67
N VAL A 104 -10.83 11.54 34.68
CA VAL A 104 -10.92 10.38 35.59
C VAL A 104 -9.79 10.48 36.60
N THR A 108 -5.39 9.87 36.11
CA THR A 108 -6.20 8.71 35.74
C THR A 108 -5.36 7.43 35.74
N MET A 109 -5.82 6.44 36.50
CA MET A 109 -5.11 5.18 36.65
C MET A 109 -4.63 4.52 35.34
N GLU A 110 -5.57 3.96 34.57
CA GLU A 110 -5.21 3.27 33.34
C GLU A 110 -6.24 3.36 32.21
N ARG A 111 -5.99 2.61 31.13
CA ARG A 111 -6.85 2.59 29.95
C ARG A 111 -8.32 2.32 30.29
N HIS A 112 -9.21 2.98 29.56
CA HIS A 112 -10.64 2.77 29.80
C HIS A 112 -11.36 2.75 28.46
N PRO A 113 -12.08 1.64 28.18
CA PRO A 113 -12.84 1.43 26.96
C PRO A 113 -14.27 1.94 26.98
N TYR A 114 -14.76 2.35 25.81
CA TYR A 114 -16.13 2.83 25.65
C TYR A 114 -16.66 2.29 24.31
N LYS A 115 -17.49 1.27 24.39
CA LYS A 115 -18.06 0.67 23.18
C LYS A 115 -19.05 1.62 22.51
N HIS A 116 -19.16 1.51 21.19
CA HIS A 116 -20.13 2.34 20.47
C HIS A 116 -21.49 1.78 20.89
N PRO A 117 -22.48 2.67 21.10
CA PRO A 117 -23.82 2.25 21.50
C PRO A 117 -24.56 1.31 20.53
N ASN A 118 -24.32 1.46 19.23
CA ASN A 118 -24.99 0.66 18.21
C ASN A 118 -24.13 -0.42 17.53
N ILE A 119 -22.88 -0.11 17.23
CA ILE A 119 -21.97 -1.08 16.59
C ILE A 119 -20.94 -1.58 17.60
N PRO A 120 -21.19 -2.75 18.21
CA PRO A 120 -20.30 -3.35 19.21
C PRO A 120 -18.88 -3.54 18.71
N ASN A 121 -18.73 -3.66 17.40
CA ASN A 121 -17.42 -3.88 16.78
C ASN A 121 -16.47 -2.67 16.90
N VAL A 122 -16.98 -1.53 17.37
CA VAL A 122 -16.16 -0.33 17.49
C VAL A 122 -15.96 0.09 18.95
N VAL A 123 -14.70 0.20 19.37
CA VAL A 123 -14.38 0.56 20.73
C VAL A 123 -13.29 1.63 20.83
N PHE A 124 -13.62 2.71 21.53
CA PHE A 124 -12.69 3.82 21.72
C PHE A 124 -12.09 3.66 23.12
N TRP A 125 -10.81 3.92 23.25
CA TRP A 125 -10.15 3.78 24.54
C TRP A 125 -9.58 5.09 25.04
N ASP A 126 -9.96 5.47 26.25
CA ASP A 126 -9.43 6.69 26.86
C ASP A 126 -8.10 6.25 27.49
N LEU A 127 -6.99 6.80 27.02
CA LEU A 127 -5.71 6.44 27.61
C LEU A 127 -5.19 7.56 28.49
N PRO A 128 -4.61 7.23 29.65
CA PRO A 128 -4.09 8.25 30.54
C PRO A 128 -2.90 8.92 29.84
N GLY A 129 -2.79 10.24 29.98
CA GLY A 129 -1.67 10.92 29.35
C GLY A 129 -0.38 10.37 29.90
N ILE A 130 0.67 10.34 29.08
CA ILE A 130 1.96 9.83 29.56
C ILE A 130 2.51 10.79 30.60
N GLY A 131 1.97 12.01 30.59
CA GLY A 131 2.38 13.03 31.53
C GLY A 131 1.89 12.75 32.94
N SER A 132 0.80 11.99 33.05
CA SER A 132 0.25 11.63 34.35
C SER A 132 0.73 10.25 34.77
N THR A 133 1.87 9.84 34.23
CA THR A 133 2.47 8.55 34.54
C THR A 133 3.97 8.75 34.58
N ASN A 134 4.69 7.78 35.12
CA ASN A 134 6.15 7.88 35.17
C ASN A 134 6.74 6.82 34.26
N PHE A 135 6.15 6.69 33.08
CA PHE A 135 6.60 5.71 32.09
C PHE A 135 7.19 6.35 30.84
N PRO A 136 8.37 5.87 30.41
CA PRO A 136 8.98 6.42 29.19
C PRO A 136 8.09 5.97 28.02
N PRO A 137 8.14 6.69 26.88
CA PRO A 137 7.35 6.41 25.67
C PRO A 137 7.07 4.95 25.32
N ASP A 138 8.12 4.18 25.04
CA ASP A 138 7.96 2.78 24.66
C ASP A 138 7.32 1.90 25.72
N THR A 139 7.75 2.06 26.96
CA THR A 139 7.20 1.27 28.06
C THR A 139 5.75 1.69 28.32
N TYR A 140 5.46 2.97 28.11
CA TYR A 140 4.11 3.49 28.27
C TYR A 140 3.19 2.78 27.29
N LEU A 141 3.65 2.66 26.04
CA LEU A 141 2.87 2.00 25.00
C LEU A 141 2.64 0.52 25.30
N GLU A 142 3.64 -0.11 25.94
CA GLU A 142 3.53 -1.53 26.30
C GLU A 142 2.51 -1.69 27.43
N LYS A 143 2.50 -0.72 28.35
CA LYS A 143 1.57 -0.73 29.47
C LYS A 143 0.16 -0.53 28.93
N MET A 144 0.03 0.39 27.98
CA MET A 144 -1.27 0.69 27.37
C MET A 144 -1.66 -0.31 26.29
N LYS A 145 -0.81 -1.30 26.03
CA LYS A 145 -1.09 -2.34 25.04
C LYS A 145 -1.35 -1.80 23.64
N PHE A 146 -0.38 -1.04 23.14
CA PHE A 146 -0.44 -0.41 21.83
C PHE A 146 -0.83 -1.34 20.68
N TYR A 147 -0.40 -2.59 20.77
CA TYR A 147 -0.65 -3.57 19.71
C TYR A 147 -2.10 -3.89 19.49
N GLU A 148 -2.95 -3.47 20.42
CA GLU A 148 -4.37 -3.73 20.31
C GLU A 148 -5.13 -2.69 19.50
N TYR A 149 -4.52 -1.53 19.32
CA TYR A 149 -5.20 -0.45 18.61
C TYR A 149 -5.00 -0.41 17.10
N ASP A 150 -6.05 -0.03 16.38
CA ASP A 150 -5.96 0.09 14.92
C ASP A 150 -5.30 1.41 14.55
N PHE A 151 -5.58 2.45 15.31
CA PHE A 151 -4.97 3.75 15.11
C PHE A 151 -5.09 4.61 16.36
N PHE A 152 -4.24 5.64 16.44
CA PHE A 152 -4.22 6.52 17.60
C PHE A 152 -4.69 7.94 17.28
N ILE A 153 -5.40 8.53 18.22
CA ILE A 153 -5.89 9.90 18.08
C ILE A 153 -5.20 10.71 19.17
N ILE A 154 -4.23 11.54 18.78
CA ILE A 154 -3.49 12.36 19.72
C ILE A 154 -4.12 13.74 19.75
N ILE A 155 -4.82 14.03 20.84
CA ILE A 155 -5.52 15.30 20.99
C ILE A 155 -4.83 16.37 21.83
N SER A 156 -5.03 17.62 21.44
CA SER A 156 -4.49 18.78 22.16
C SER A 156 -5.41 19.96 21.94
N ALA A 157 -5.75 20.67 23.01
CA ALA A 157 -6.63 21.81 22.88
C ALA A 157 -5.80 23.08 22.66
N THR A 158 -4.49 22.96 22.74
CA THR A 158 -3.59 24.11 22.54
C THR A 158 -2.73 24.00 21.28
N ARG A 159 -1.46 23.62 21.46
CA ARG A 159 -0.55 23.48 20.34
C ARG A 159 0.35 22.26 20.50
N PHE A 160 -0.18 21.23 21.16
CA PHE A 160 0.56 20.00 21.40
C PHE A 160 1.79 20.27 22.26
N LYS A 161 2.34 19.20 22.84
CA LYS A 161 3.51 19.29 23.71
C LYS A 161 4.55 18.27 23.27
N LYS A 162 5.70 18.30 23.93
CA LYS A 162 6.77 17.36 23.61
C LYS A 162 6.26 15.94 23.84
N ASN A 163 5.46 15.77 24.89
CA ASN A 163 4.89 14.47 25.23
C ASN A 163 4.12 13.86 24.07
N ASP A 164 3.25 14.68 23.47
CA ASP A 164 2.42 14.25 22.35
C ASP A 164 3.27 13.74 21.20
N ILE A 165 4.37 14.40 20.94
CA ILE A 165 5.24 14.02 19.83
C ILE A 165 6.10 12.78 20.15
N ASP A 166 6.62 12.69 21.37
CA ASP A 166 7.42 11.53 21.71
C ASP A 166 6.53 10.29 21.53
N ILE A 167 5.26 10.43 21.90
CA ILE A 167 4.32 9.32 21.76
C ILE A 167 4.14 8.99 20.28
N ALA A 168 3.96 10.01 19.47
CA ALA A 168 3.80 9.82 18.03
C ALA A 168 5.02 9.09 17.48
N LYS A 169 6.21 9.60 17.82
CA LYS A 169 7.45 9.00 17.35
C LYS A 169 7.47 7.50 17.67
N ALA A 170 7.09 7.16 18.89
CA ALA A 170 7.06 5.76 19.29
C ALA A 170 6.01 4.99 18.48
N ILE A 171 4.86 5.62 18.25
CA ILE A 171 3.82 4.96 17.48
C ILE A 171 4.26 4.69 16.04
N SER A 172 4.92 5.67 15.41
CA SER A 172 5.36 5.46 14.04
C SER A 172 6.46 4.40 13.98
N MET A 173 7.26 4.31 15.03
CA MET A 173 8.32 3.32 15.07
C MET A 173 7.75 1.91 15.06
N MET A 174 6.52 1.76 15.54
CA MET A 174 5.90 0.45 15.55
C MET A 174 4.91 0.25 14.41
N LYS A 175 5.01 1.11 13.40
CA LYS A 175 4.18 1.03 12.20
C LYS A 175 2.69 1.32 12.36
N LYS A 176 2.30 1.90 13.48
CA LYS A 176 0.90 2.21 13.71
C LYS A 176 0.54 3.62 13.25
N GLU A 177 -0.75 3.82 12.95
CA GLU A 177 -1.29 5.09 12.50
C GLU A 177 -1.70 6.01 13.66
N PHE A 178 -1.35 7.29 13.54
CA PHE A 178 -1.69 8.29 14.56
C PHE A 178 -2.20 9.54 13.85
N TYR A 179 -3.00 10.35 14.54
CA TYR A 179 -3.52 11.57 13.94
C TYR A 179 -3.51 12.70 14.96
N PHE A 180 -3.04 13.87 14.54
CA PHE A 180 -2.98 15.03 15.42
C PHE A 180 -4.29 15.83 15.31
N VAL A 181 -5.03 15.88 16.42
CA VAL A 181 -6.30 16.56 16.47
C VAL A 181 -6.29 17.74 17.45
N ARG A 182 -6.49 18.94 16.92
CA ARG A 182 -6.52 20.15 17.74
C ARG A 182 -7.97 20.55 18.01
N THR A 183 -8.44 20.23 19.22
CA THR A 183 -9.82 20.53 19.60
C THR A 183 -10.04 21.93 20.18
N LYS A 184 -11.32 22.27 20.38
CA LYS A 184 -11.73 23.54 20.97
C LYS A 184 -11.37 24.80 20.19
N VAL A 185 -11.34 24.70 18.87
CA VAL A 185 -11.02 25.85 18.03
C VAL A 185 -12.15 26.88 18.18
N ASP A 186 -13.35 26.38 18.46
CA ASP A 186 -14.52 27.22 18.63
C ASP A 186 -14.35 28.24 19.75
N SER A 187 -13.68 27.84 20.83
CA SER A 187 -13.46 28.73 21.97
C SER A 187 -12.57 29.89 21.59
N ASP A 188 -11.85 29.75 20.47
CA ASP A 188 -10.99 30.83 20.01
C ASP A 188 -11.90 31.87 19.37
N ILE A 189 -12.27 32.86 20.17
CA ILE A 189 -13.16 33.94 19.76
C ILE A 189 -12.46 35.29 19.84
N LYS A 202 -9.50 38.85 10.24
CA LYS A 202 -9.84 37.89 11.28
C LYS A 202 -10.48 36.64 10.67
N GLU A 203 -11.13 35.85 11.52
CA GLU A 203 -11.79 34.61 11.11
C GLU A 203 -10.74 33.53 10.92
N LYS A 204 -9.73 33.83 10.11
CA LYS A 204 -8.66 32.86 9.87
C LYS A 204 -7.70 32.76 11.05
N VAL A 205 -8.27 32.52 12.23
CA VAL A 205 -7.47 32.35 13.43
C VAL A 205 -7.04 30.89 13.37
N LEU A 206 -7.53 30.20 12.34
CA LEU A 206 -7.22 28.80 12.11
C LEU A 206 -5.77 28.67 11.64
N GLN A 207 -5.36 29.53 10.71
CA GLN A 207 -3.99 29.49 10.19
C GLN A 207 -2.97 29.83 11.28
N ASP A 208 -3.41 30.55 12.30
CA ASP A 208 -2.54 30.92 13.42
C ASP A 208 -2.43 29.73 14.36
N ILE A 209 -3.58 29.13 14.66
CA ILE A 209 -3.66 27.96 15.52
C ILE A 209 -2.81 26.85 14.89
N ARG A 210 -2.85 26.79 13.57
CA ARG A 210 -2.10 25.80 12.82
C ARG A 210 -0.62 26.17 12.82
N LEU A 211 -0.33 27.47 12.87
CA LEU A 211 1.06 27.93 12.87
C LEU A 211 1.74 27.51 14.17
N ASN A 212 1.05 27.67 15.29
CA ASN A 212 1.61 27.30 16.59
C ASN A 212 1.91 25.80 16.70
N CYS A 213 1.03 24.99 16.13
CA CYS A 213 1.22 23.55 16.17
C CYS A 213 2.48 23.18 15.39
N VAL A 214 2.59 23.73 14.18
CA VAL A 214 3.73 23.46 13.31
C VAL A 214 5.06 23.83 13.94
N ASN A 215 5.09 24.94 14.67
CA ASN A 215 6.34 25.35 15.31
C ASN A 215 6.72 24.31 16.34
N THR A 216 5.73 23.80 17.07
CA THR A 216 6.00 22.79 18.08
C THR A 216 6.64 21.56 17.45
N PHE A 217 6.10 21.12 16.32
CA PHE A 217 6.62 19.95 15.62
C PHE A 217 8.02 20.23 15.10
N ARG A 218 8.18 21.41 14.51
CA ARG A 218 9.47 21.82 13.98
C ARG A 218 10.49 21.91 15.11
N GLU A 219 10.04 22.40 16.26
CA GLU A 219 10.88 22.54 17.44
C GLU A 219 11.32 21.16 17.94
N ASN A 220 10.51 20.14 17.67
CA ASN A 220 10.81 18.79 18.11
C ASN A 220 11.42 17.87 17.04
N GLY A 221 12.04 18.47 16.03
CA GLY A 221 12.69 17.70 14.99
C GLY A 221 11.78 16.78 14.18
N ILE A 222 10.63 17.28 13.77
CA ILE A 222 9.69 16.48 12.99
C ILE A 222 9.24 17.26 11.75
N ALA A 223 9.11 16.57 10.62
CA ALA A 223 8.66 17.23 9.40
C ALA A 223 7.20 17.64 9.59
N GLU A 224 6.70 18.55 8.75
CA GLU A 224 5.32 19.00 8.87
C GLU A 224 4.29 17.88 8.82
N PRO A 225 3.55 17.66 9.93
CA PRO A 225 2.54 16.62 9.97
C PRO A 225 1.15 17.20 9.74
N PRO A 226 0.23 16.40 9.19
CA PRO A 226 -1.09 16.99 8.99
C PRO A 226 -1.73 17.20 10.36
N ILE A 227 -2.68 18.12 10.44
CA ILE A 227 -3.34 18.41 11.69
C ILE A 227 -4.80 18.64 11.38
N PHE A 228 -5.68 18.19 12.26
CA PHE A 228 -7.11 18.37 12.05
C PHE A 228 -7.65 19.21 13.21
N LEU A 229 -8.18 20.38 12.90
CA LEU A 229 -8.73 21.27 13.92
C LEU A 229 -10.20 20.97 14.09
N LEU A 230 -10.66 20.88 15.33
CA LEU A 230 -12.07 20.60 15.59
C LEU A 230 -12.72 21.61 16.52
N SER A 231 -14.04 21.72 16.43
CA SER A 231 -14.83 22.63 17.25
C SER A 231 -15.79 21.81 18.13
N ASN A 232 -16.17 22.36 19.28
CA ASN A 232 -17.07 21.66 20.19
C ASN A 232 -18.54 22.03 20.05
N LYS A 233 -18.85 23.33 19.99
CA LYS A 233 -20.23 23.74 19.83
C LYS A 233 -20.75 23.17 18.51
N ASN A 234 -19.98 23.39 17.44
CA ASN A 234 -20.36 22.87 16.13
C ASN A 234 -19.36 21.79 15.72
N VAL A 235 -19.49 20.62 16.35
CA VAL A 235 -18.60 19.48 16.12
C VAL A 235 -18.38 19.04 14.67
N CYS A 236 -19.42 19.13 13.83
CA CYS A 236 -19.30 18.73 12.44
C CYS A 236 -18.65 19.83 11.59
N HIS A 237 -17.95 20.75 12.26
CA HIS A 237 -17.30 21.85 11.57
C HIS A 237 -15.79 21.73 11.41
N TYR A 238 -15.26 22.48 10.45
CA TYR A 238 -13.84 22.53 10.16
C TYR A 238 -13.25 21.27 9.53
N ASP A 239 -12.30 20.64 10.21
CA ASP A 239 -11.68 19.44 9.64
C ASP A 239 -12.36 18.12 10.00
N PHE A 240 -13.52 18.18 10.63
CA PHE A 240 -14.22 16.96 10.98
C PHE A 240 -14.44 16.12 9.71
N PRO A 241 -14.97 16.75 8.64
CA PRO A 241 -15.21 16.04 7.38
C PRO A 241 -14.01 15.29 6.83
N VAL A 242 -12.91 16.01 6.60
CA VAL A 242 -11.71 15.38 6.05
C VAL A 242 -11.08 14.40 7.00
N LEU A 243 -11.25 14.61 8.30
CA LEU A 243 -10.69 13.67 9.28
C LEU A 243 -11.43 12.34 9.13
N MET A 244 -12.75 12.44 9.07
CA MET A 244 -13.60 11.27 8.90
C MET A 244 -13.17 10.52 7.64
N ASP A 245 -12.86 11.25 6.57
CA ASP A 245 -12.42 10.60 5.31
C ASP A 245 -11.04 9.95 5.44
N LYS A 246 -10.15 10.59 6.17
CA LYS A 246 -8.80 10.06 6.33
C LYS A 246 -8.78 8.76 7.13
N LEU A 247 -9.46 8.75 8.27
CA LEU A 247 -9.52 7.55 9.10
C LEU A 247 -10.02 6.35 8.28
N ILE A 248 -11.15 6.51 7.58
CA ILE A 248 -11.67 5.40 6.77
C ILE A 248 -10.69 5.03 5.66
N SER A 249 -10.15 6.05 4.99
CA SER A 249 -9.22 5.80 3.91
C SER A 249 -7.97 4.99 4.32
N ASP A 250 -7.30 5.39 5.40
CA ASP A 250 -6.08 4.71 5.87
C ASP A 250 -6.32 3.35 6.48
N LEU A 251 -7.56 3.07 6.86
CA LEU A 251 -7.92 1.80 7.50
C LEU A 251 -7.82 0.64 6.52
N PRO A 252 -7.52 -0.58 7.02
CA PRO A 252 -7.45 -1.69 6.08
C PRO A 252 -8.84 -1.76 5.41
N ILE A 253 -8.87 -1.99 4.11
CA ILE A 253 -10.12 -2.02 3.37
C ILE A 253 -11.27 -2.79 4.05
N TYR A 254 -11.02 -4.00 4.51
CA TYR A 254 -12.05 -4.80 5.13
C TYR A 254 -12.62 -4.23 6.44
N LYS A 255 -11.91 -3.28 7.05
CA LYS A 255 -12.36 -2.67 8.30
C LYS A 255 -13.24 -1.42 8.15
N ARG A 256 -13.18 -0.80 6.98
CA ARG A 256 -13.94 0.42 6.69
C ARG A 256 -15.44 0.35 6.91
N HIS A 257 -16.07 -0.70 6.40
CA HIS A 257 -17.52 -0.82 6.52
C HIS A 257 -18.06 -0.67 7.93
N ASN A 258 -17.53 -1.46 8.86
CA ASN A 258 -17.99 -1.40 10.24
C ASN A 258 -17.72 -0.08 10.93
N PHE A 259 -16.63 0.60 10.57
CA PHE A 259 -16.34 1.89 11.21
C PHE A 259 -17.21 2.99 10.60
N MET A 260 -17.33 2.96 9.28
CA MET A 260 -18.12 3.94 8.56
C MET A 260 -19.53 4.02 9.15
N VAL A 261 -20.15 2.86 9.29
CA VAL A 261 -21.50 2.74 9.81
C VAL A 261 -21.65 3.29 11.23
N SER A 262 -20.53 3.34 11.96
CA SER A 262 -20.54 3.80 13.33
C SER A 262 -20.42 5.31 13.49
N LEU A 263 -20.02 6.01 12.42
CA LEU A 263 -19.83 7.45 12.50
C LEU A 263 -21.11 8.21 12.77
N PRO A 264 -21.01 9.41 13.34
CA PRO A 264 -22.19 10.22 13.65
C PRO A 264 -22.87 10.81 12.42
N ASN A 265 -24.20 10.67 12.37
CA ASN A 265 -24.99 11.18 11.26
C ASN A 265 -25.19 12.68 11.47
N ILE A 266 -24.13 13.46 11.35
CA ILE A 266 -24.23 14.89 11.56
C ILE A 266 -23.93 15.75 10.33
N THR A 267 -23.71 15.09 9.19
CA THR A 267 -23.47 15.79 7.94
C THR A 267 -24.08 14.96 6.82
N ASP A 268 -24.53 15.60 5.76
CA ASP A 268 -25.11 14.85 4.65
C ASP A 268 -24.04 14.02 3.98
N SER A 269 -22.79 14.45 4.14
CA SER A 269 -21.66 13.74 3.54
C SER A 269 -21.42 12.41 4.21
N VAL A 270 -21.45 12.41 5.54
CA VAL A 270 -21.25 11.16 6.27
C VAL A 270 -22.43 10.26 5.93
N ILE A 271 -23.62 10.85 5.96
CA ILE A 271 -24.83 10.09 5.67
C ILE A 271 -24.80 9.47 4.28
N GLU A 272 -24.46 10.27 3.28
CA GLU A 272 -24.41 9.79 1.91
C GLU A 272 -23.29 8.77 1.77
N LYS A 273 -22.20 8.99 2.50
CA LYS A 273 -21.08 8.06 2.41
C LYS A 273 -21.46 6.70 2.97
N LYS A 274 -22.27 6.67 4.04
CA LYS A 274 -22.69 5.41 4.63
C LYS A 274 -23.54 4.62 3.65
N ARG A 275 -24.42 5.31 2.94
CA ARG A 275 -25.29 4.65 1.96
C ARG A 275 -24.44 3.97 0.89
N GLN A 276 -23.44 4.69 0.39
CA GLN A 276 -22.56 4.15 -0.63
C GLN A 276 -21.95 2.83 -0.17
N PHE A 277 -21.51 2.78 1.10
CA PHE A 277 -20.92 1.57 1.65
C PHE A 277 -21.94 0.44 1.77
N LEU A 278 -23.13 0.75 2.28
CA LEU A 278 -24.17 -0.27 2.43
C LEU A 278 -24.66 -0.76 1.08
N LYS A 279 -24.66 0.11 0.08
CA LYS A 279 -25.10 -0.31 -1.25
C LYS A 279 -24.11 -1.36 -1.75
N GLN A 280 -22.82 -1.12 -1.50
CA GLN A 280 -21.81 -2.08 -1.92
C GLN A 280 -22.02 -3.43 -1.26
N ARG A 281 -22.36 -3.41 0.03
CA ARG A 281 -22.56 -4.66 0.76
C ARG A 281 -23.76 -5.45 0.23
N ILE A 282 -24.83 -4.74 -0.12
CA ILE A 282 -26.03 -5.40 -0.65
C ILE A 282 -25.67 -6.09 -1.98
N TRP A 283 -24.93 -5.37 -2.83
CA TRP A 283 -24.49 -5.92 -4.11
C TRP A 283 -23.76 -7.24 -3.91
N LEU A 284 -22.77 -7.24 -3.03
CA LEU A 284 -21.99 -8.44 -2.75
C LEU A 284 -22.88 -9.56 -2.25
N GLU A 285 -23.77 -9.19 -1.34
CA GLU A 285 -24.72 -10.13 -0.74
C GLU A 285 -25.67 -10.69 -1.79
N GLY A 286 -26.15 -9.82 -2.68
CA GLY A 286 -27.06 -10.25 -3.74
C GLY A 286 -26.41 -11.29 -4.64
N PHE A 287 -25.15 -11.07 -5.00
CA PHE A 287 -24.44 -12.02 -5.85
C PHE A 287 -24.17 -13.34 -5.14
N ALA A 288 -23.76 -13.26 -3.88
CA ALA A 288 -23.47 -14.47 -3.11
C ALA A 288 -24.68 -15.38 -3.06
N ALA A 289 -25.86 -14.78 -2.89
CA ALA A 289 -27.11 -15.54 -2.81
C ALA A 289 -27.52 -16.16 -4.14
N ASP A 290 -26.84 -15.79 -5.22
CA ASP A 290 -27.13 -16.29 -6.57
C ASP A 290 -28.15 -15.43 -7.30
N LEU A 291 -27.87 -15.10 -8.56
CA LEU A 291 -28.80 -14.31 -9.35
C LEU A 291 -29.91 -15.24 -9.87
N VAL A 292 -30.96 -14.65 -10.43
CA VAL A 292 -32.05 -15.42 -10.99
C VAL A 292 -32.42 -14.84 -12.34
N ASN A 293 -33.30 -15.53 -13.07
CA ASN A 293 -33.70 -15.08 -14.39
C ASN A 293 -35.17 -14.70 -14.48
N ILE A 294 -35.81 -14.48 -13.33
CA ILE A 294 -37.22 -14.09 -13.31
C ILE A 294 -37.37 -12.70 -12.73
N ILE A 295 -38.22 -11.89 -13.33
CA ILE A 295 -38.45 -10.54 -12.83
C ILE A 295 -38.93 -10.60 -11.37
N PRO A 296 -38.45 -9.68 -10.51
CA PRO A 296 -38.81 -9.60 -9.10
C PRO A 296 -40.26 -9.91 -8.71
N SER A 297 -41.19 -9.04 -9.11
CA SER A 297 -42.63 -9.21 -8.79
C SER A 297 -42.87 -10.16 -7.62
N LEU A 298 -43.14 -9.57 -6.44
CA LEU A 298 -43.35 -10.35 -5.22
C LEU A 298 -44.78 -10.88 -5.10
N THR A 299 -45.05 -12.02 -5.74
CA THR A 299 -46.38 -12.62 -5.70
C THR A 299 -46.57 -13.46 -4.44
N PHE A 300 -45.46 -13.89 -3.85
CA PHE A 300 -45.48 -14.68 -2.63
C PHE A 300 -44.23 -14.31 -1.83
N LEU A 301 -44.40 -14.08 -0.54
CA LEU A 301 -43.29 -13.69 0.31
C LEU A 301 -43.12 -14.60 1.51
N LEU A 302 -42.06 -15.41 1.50
CA LEU A 302 -41.80 -16.32 2.61
C LEU A 302 -41.65 -15.54 3.90
N ASP A 303 -42.27 -16.05 4.96
CA ASP A 303 -42.19 -15.44 6.28
C ASP A 303 -40.70 -15.26 6.57
N SER A 304 -39.93 -16.18 6.00
CA SER A 304 -38.47 -16.22 6.14
C SER A 304 -37.79 -14.91 5.73
N ASP A 305 -38.06 -14.47 4.51
CA ASP A 305 -37.47 -13.24 4.00
C ASP A 305 -38.10 -12.00 4.64
N LEU A 306 -39.33 -12.12 5.11
CA LEU A 306 -40.01 -10.99 5.73
C LEU A 306 -39.23 -10.57 6.98
N GLU A 307 -38.91 -11.55 7.82
CA GLU A 307 -38.16 -11.29 9.04
C GLU A 307 -36.78 -10.73 8.69
N THR A 308 -36.22 -11.22 7.58
CA THR A 308 -34.92 -10.74 7.13
C THR A 308 -35.07 -9.25 6.82
N LEU A 309 -36.11 -8.91 6.06
CA LEU A 309 -36.36 -7.53 5.68
C LEU A 309 -36.62 -6.64 6.90
N LYS A 310 -37.24 -7.21 7.93
CA LYS A 310 -37.51 -6.44 9.14
C LYS A 310 -36.21 -6.16 9.87
N LYS A 311 -35.28 -7.11 9.80
CA LYS A 311 -33.99 -6.97 10.47
C LYS A 311 -33.15 -5.96 9.72
N SER A 312 -33.25 -5.98 8.40
CA SER A 312 -32.49 -5.04 7.58
C SER A 312 -32.97 -3.63 7.88
N MET A 313 -34.29 -3.45 7.94
CA MET A 313 -34.83 -2.12 8.21
C MET A 313 -34.44 -1.60 9.57
N LYS A 314 -34.35 -2.50 10.54
CA LYS A 314 -33.96 -2.13 11.90
C LYS A 314 -32.47 -1.78 11.93
N PHE A 315 -31.67 -2.47 11.13
CA PHE A 315 -30.25 -2.18 11.07
C PHE A 315 -30.01 -0.82 10.43
N TYR A 316 -30.63 -0.56 9.28
CA TYR A 316 -30.46 0.73 8.60
C TYR A 316 -30.97 1.91 9.42
N ARG A 317 -32.14 1.75 10.04
CA ARG A 317 -32.68 2.84 10.84
C ARG A 317 -31.75 3.21 12.02
N THR A 318 -31.19 2.20 12.68
CA THR A 318 -30.29 2.45 13.80
C THR A 318 -29.06 3.19 13.26
N VAL A 319 -28.37 2.57 12.31
CA VAL A 319 -27.20 3.16 11.67
C VAL A 319 -27.37 4.64 11.28
N PHE A 320 -28.54 4.98 10.76
CA PHE A 320 -28.80 6.37 10.35
C PHE A 320 -29.47 7.24 11.42
N GLY A 321 -29.59 6.69 12.63
CA GLY A 321 -30.18 7.43 13.73
C GLY A 321 -31.61 7.84 13.52
N VAL A 322 -32.41 7.01 12.86
CA VAL A 322 -33.83 7.34 12.68
C VAL A 322 -34.71 6.25 13.28
N ASP A 323 -34.10 5.41 14.12
CA ASP A 323 -34.81 4.34 14.80
C ASP A 323 -35.74 4.94 15.87
N GLU A 324 -36.57 4.10 16.48
CA GLU A 324 -37.53 4.57 17.49
C GLU A 324 -36.97 5.46 18.60
N THR A 325 -35.99 4.97 19.35
CA THR A 325 -35.41 5.77 20.42
C THR A 325 -34.99 7.14 19.90
N SER A 326 -34.06 7.17 18.94
CA SER A 326 -33.57 8.41 18.37
C SER A 326 -34.71 9.37 18.05
N LEU A 327 -35.85 8.83 17.63
CA LEU A 327 -36.97 9.68 17.30
C LEU A 327 -37.63 10.20 18.57
N GLN A 328 -37.63 9.38 19.62
CA GLN A 328 -38.24 9.78 20.89
C GLN A 328 -37.49 10.97 21.47
N ARG A 329 -36.16 10.87 21.57
CA ARG A 329 -35.34 11.95 22.10
C ARG A 329 -35.58 13.20 21.26
N LEU A 330 -35.50 13.02 19.94
CA LEU A 330 -35.69 14.12 19.01
C LEU A 330 -36.99 14.85 19.34
N ALA A 331 -38.02 14.07 19.67
CA ALA A 331 -39.34 14.60 20.01
C ALA A 331 -39.28 15.44 21.27
N ARG A 332 -38.43 15.06 22.21
CA ARG A 332 -38.32 15.82 23.44
C ARG A 332 -37.59 17.12 23.14
N ASP A 333 -36.37 17.02 22.62
CA ASP A 333 -35.56 18.19 22.29
C ASP A 333 -36.40 19.31 21.68
N TRP A 334 -37.45 18.94 20.97
CA TRP A 334 -38.33 19.92 20.35
C TRP A 334 -39.58 20.09 21.21
N GLU A 335 -40.45 19.08 21.14
CA GLU A 335 -41.71 19.00 21.86
C GLU A 335 -42.56 18.15 20.95
N ILE A 336 -43.88 18.22 21.09
CA ILE A 336 -44.73 17.42 20.22
C ILE A 336 -44.48 15.95 20.53
N GLU A 337 -45.49 15.10 20.31
CA GLU A 337 -45.30 13.67 20.57
C GLU A 337 -44.61 13.02 19.38
N VAL A 338 -43.87 11.95 19.66
CA VAL A 338 -43.15 11.23 18.62
C VAL A 338 -43.99 11.19 17.35
N ASP A 339 -45.28 10.95 17.52
CA ASP A 339 -46.22 10.88 16.42
C ASP A 339 -45.90 11.84 15.28
N GLN A 340 -45.65 13.10 15.61
CA GLN A 340 -45.36 14.10 14.59
C GLN A 340 -43.96 14.05 14.01
N VAL A 341 -43.00 13.52 14.76
CA VAL A 341 -41.65 13.43 14.24
C VAL A 341 -41.66 12.37 13.14
N GLU A 342 -42.16 11.18 13.47
CA GLU A 342 -42.25 10.09 12.51
C GLU A 342 -42.98 10.54 11.26
N ALA A 343 -44.02 11.33 11.46
CA ALA A 343 -44.83 11.83 10.34
C ALA A 343 -43.98 12.60 9.36
N MET A 344 -42.84 13.10 9.84
CA MET A 344 -41.93 13.87 8.99
C MET A 344 -41.14 13.00 8.02
N ILE A 345 -41.07 11.70 8.31
CA ILE A 345 -40.33 10.78 7.45
C ILE A 345 -41.14 9.56 7.02
N LYS A 346 -40.53 8.66 6.26
CA LYS A 346 -41.25 7.51 5.74
C LYS A 346 -40.93 6.10 6.24
N SER A 347 -39.70 5.81 6.62
CA SER A 347 -39.37 4.46 7.06
C SER A 347 -40.09 3.95 8.31
N PRO A 348 -40.57 4.85 9.18
CA PRO A 348 -41.27 4.38 10.38
C PRO A 348 -42.58 3.63 10.15
N ALA A 349 -43.22 3.87 9.00
CA ALA A 349 -44.51 3.23 8.72
C ALA A 349 -44.46 1.99 7.84
N VAL A 350 -43.29 1.67 7.31
CA VAL A 350 -43.17 0.51 6.44
C VAL A 350 -43.79 -0.75 7.05
N PHE A 351 -43.47 -1.00 8.31
CA PHE A 351 -43.99 -2.20 8.97
C PHE A 351 -45.07 -1.92 9.99
N LYS A 352 -45.64 -0.72 9.94
CA LYS A 352 -46.72 -0.39 10.86
C LYS A 352 -48.01 -1.04 10.36
N PRO A 353 -48.73 -1.77 11.23
CA PRO A 353 -49.97 -2.45 10.86
C PRO A 353 -51.06 -1.50 10.32
N THR A 354 -51.81 -1.99 9.33
CA THR A 354 -52.91 -1.23 8.72
C THR A 354 -53.89 -2.26 8.17
N ASP A 355 -55.19 -2.02 8.35
CA ASP A 355 -56.22 -2.92 7.85
C ASP A 355 -56.44 -2.66 6.39
N GLU A 356 -55.97 -1.51 5.93
CA GLU A 356 -56.16 -1.09 4.55
C GLU A 356 -55.17 -1.67 3.53
N GLU A 357 -54.05 -2.18 4.00
CA GLU A 357 -53.05 -2.72 3.09
C GLU A 357 -52.16 -3.75 3.77
N THR A 358 -51.90 -4.84 3.07
CA THR A 358 -51.05 -5.90 3.60
C THR A 358 -49.57 -5.55 3.35
N ILE A 359 -48.66 -6.21 4.07
CA ILE A 359 -47.23 -5.95 3.87
C ILE A 359 -46.84 -6.43 2.48
N GLN A 360 -47.49 -7.50 2.03
CA GLN A 360 -47.24 -8.07 0.71
C GLN A 360 -47.52 -7.02 -0.34
N GLU A 361 -48.64 -6.33 -0.20
CA GLU A 361 -49.02 -5.29 -1.16
C GLU A 361 -48.05 -4.11 -1.07
N ARG A 362 -47.71 -3.72 0.16
CA ARG A 362 -46.79 -2.62 0.33
C ARG A 362 -45.42 -2.94 -0.26
N LEU A 363 -44.84 -4.08 0.11
CA LEU A 363 -43.51 -4.43 -0.40
C LEU A 363 -43.55 -4.68 -1.90
N SER A 364 -44.65 -5.28 -2.37
CA SER A 364 -44.80 -5.56 -3.78
C SER A 364 -44.81 -4.25 -4.58
N ARG A 365 -45.30 -3.19 -3.93
CA ARG A 365 -45.36 -1.90 -4.59
C ARG A 365 -43.99 -1.24 -4.57
N TYR A 366 -43.22 -1.48 -3.52
CA TYR A 366 -41.89 -0.88 -3.42
C TYR A 366 -40.97 -1.42 -4.51
N ILE A 367 -41.05 -2.71 -4.76
CA ILE A 367 -40.23 -3.35 -5.79
C ILE A 367 -40.51 -2.69 -7.13
N GLN A 368 -41.78 -2.57 -7.47
CA GLN A 368 -42.14 -1.94 -8.74
C GLN A 368 -41.65 -0.50 -8.82
N GLU A 369 -41.79 0.25 -7.73
CA GLU A 369 -41.33 1.65 -7.75
C GLU A 369 -39.82 1.70 -7.98
N PHE A 370 -39.09 0.88 -7.23
CA PHE A 370 -37.63 0.86 -7.34
C PHE A 370 -37.17 0.52 -8.74
N CYS A 371 -37.56 -0.66 -9.21
CA CYS A 371 -37.14 -1.10 -10.52
C CYS A 371 -37.59 -0.19 -11.64
N LEU A 372 -38.58 0.66 -11.36
CA LEU A 372 -39.08 1.60 -12.36
C LEU A 372 -38.15 2.82 -12.44
N ALA A 373 -37.59 3.20 -11.31
CA ALA A 373 -36.70 4.36 -11.26
C ALA A 373 -35.23 4.00 -11.44
N ASN A 374 -34.85 2.79 -11.00
CA ASN A 374 -33.46 2.35 -11.09
C ASN A 374 -33.19 1.24 -12.10
N GLY A 375 -34.24 0.56 -12.53
CA GLY A 375 -34.06 -0.53 -13.46
C GLY A 375 -33.70 -1.76 -12.65
N TYR A 376 -33.25 -2.83 -13.30
CA TYR A 376 -32.91 -4.04 -12.58
C TYR A 376 -31.43 -4.11 -12.17
N LEU A 377 -30.67 -3.07 -12.55
CA LEU A 377 -29.25 -2.95 -12.21
C LEU A 377 -28.33 -3.99 -12.87
N LEU A 378 -28.90 -4.88 -13.66
CA LEU A 378 -28.12 -5.92 -14.32
C LEU A 378 -28.51 -6.07 -15.80
N PRO A 379 -27.70 -6.79 -16.59
CA PRO A 379 -28.03 -6.96 -18.01
C PRO A 379 -29.32 -7.74 -18.18
N LYS A 380 -30.01 -7.47 -19.30
CA LYS A 380 -31.29 -8.11 -19.62
C LYS A 380 -31.41 -9.57 -19.25
N ASN A 381 -32.51 -9.91 -18.60
CA ASN A 381 -32.81 -11.27 -18.18
C ASN A 381 -32.07 -11.78 -16.95
N SER A 382 -31.39 -10.88 -16.25
CA SER A 382 -30.67 -11.25 -15.03
C SER A 382 -31.15 -10.36 -13.88
N PHE A 383 -31.38 -10.97 -12.72
CA PHE A 383 -31.87 -10.22 -11.58
C PHE A 383 -31.36 -10.74 -10.24
N LEU A 384 -31.36 -9.84 -9.26
CA LEU A 384 -30.99 -10.19 -7.89
C LEU A 384 -32.31 -10.72 -7.36
N LYS A 385 -32.29 -11.56 -6.33
CA LYS A 385 -33.54 -12.04 -5.77
C LYS A 385 -34.25 -10.83 -5.19
N GLU A 386 -35.57 -10.93 -5.08
CA GLU A 386 -36.45 -9.88 -4.58
C GLU A 386 -36.01 -9.11 -3.32
N ILE A 387 -35.55 -9.81 -2.29
CA ILE A 387 -35.20 -9.13 -1.05
C ILE A 387 -34.17 -8.03 -1.23
N PHE A 388 -33.20 -8.28 -2.11
CA PHE A 388 -32.14 -7.32 -2.34
C PHE A 388 -32.60 -6.01 -2.90
N TYR A 389 -33.56 -6.06 -3.83
CA TYR A 389 -34.11 -4.82 -4.40
C TYR A 389 -34.85 -4.10 -3.26
N LEU A 390 -35.39 -4.85 -2.32
CA LEU A 390 -36.12 -4.24 -1.20
C LEU A 390 -35.12 -3.59 -0.25
N LYS A 391 -33.99 -4.23 -0.01
CA LYS A 391 -32.97 -3.67 0.86
C LYS A 391 -32.49 -2.33 0.28
N TYR A 392 -32.35 -2.27 -1.04
CA TYR A 392 -31.92 -1.05 -1.70
C TYR A 392 -32.98 0.05 -1.52
N TYR A 393 -34.25 -0.35 -1.62
CA TYR A 393 -35.34 0.62 -1.46
C TYR A 393 -35.38 1.16 -0.05
N PHE A 394 -35.26 0.28 0.94
CA PHE A 394 -35.26 0.68 2.35
C PHE A 394 -34.10 1.64 2.60
N LEU A 395 -32.90 1.20 2.23
CA LEU A 395 -31.69 2.00 2.42
C LEU A 395 -31.84 3.41 1.89
N ASP A 396 -32.41 3.55 0.70
CA ASP A 396 -32.61 4.87 0.15
C ASP A 396 -33.59 5.62 1.02
N MET A 397 -34.65 4.93 1.45
CA MET A 397 -35.66 5.55 2.29
C MET A 397 -35.08 6.13 3.57
N VAL A 398 -34.37 5.30 4.32
CA VAL A 398 -33.75 5.69 5.58
C VAL A 398 -32.72 6.79 5.39
N THR A 399 -31.96 6.70 4.31
CA THR A 399 -30.93 7.69 4.01
C THR A 399 -31.60 9.04 3.87
N GLU A 400 -32.69 9.06 3.11
CA GLU A 400 -33.44 10.29 2.89
C GLU A 400 -34.06 10.77 4.21
N ASP A 401 -34.58 9.84 5.00
CA ASP A 401 -35.17 10.20 6.28
C ASP A 401 -34.13 10.93 7.13
N ALA A 402 -32.95 10.34 7.28
CA ALA A 402 -31.87 10.95 8.06
C ALA A 402 -31.54 12.37 7.59
N LYS A 403 -31.48 12.56 6.28
CA LYS A 403 -31.18 13.88 5.75
C LYS A 403 -32.32 14.87 6.01
N THR A 404 -33.53 14.35 6.16
CA THR A 404 -34.70 15.20 6.41
C THR A 404 -34.70 15.72 7.84
N LEU A 405 -34.37 14.84 8.78
CA LEU A 405 -34.33 15.26 10.18
C LEU A 405 -33.14 16.16 10.44
N LEU A 406 -32.00 15.84 9.82
CA LEU A 406 -30.80 16.65 10.00
C LEU A 406 -31.07 18.07 9.52
N LYS A 407 -31.70 18.18 8.36
CA LYS A 407 -32.02 19.48 7.77
C LYS A 407 -32.96 20.26 8.69
N GLU A 408 -33.80 19.55 9.42
CA GLU A 408 -34.73 20.19 10.33
C GLU A 408 -33.96 20.60 11.58
N ILE A 409 -33.08 19.71 12.05
CA ILE A 409 -32.30 20.01 13.24
C ILE A 409 -31.40 21.22 13.01
N CYS A 410 -30.90 21.38 11.79
CA CYS A 410 -30.03 22.51 11.44
C CYS A 410 -30.84 23.78 11.19
N LEU A 411 -31.97 23.64 10.50
CA LEU A 411 -32.85 24.76 10.20
C LEU A 411 -33.07 25.55 11.49
N ARG A 412 -33.25 24.82 12.58
CA ARG A 412 -33.44 25.44 13.89
C ARG A 412 -32.10 25.88 14.44
N ASN A 413 -32.05 26.10 15.74
CA ASN A 413 -30.82 26.53 16.40
C ASN A 413 -30.20 27.78 15.79
N ASN B 14 -5.32 -25.09 -17.61
CA ASN B 14 -4.01 -24.64 -18.09
C ASN B 14 -4.10 -24.03 -19.49
N ASP B 15 -4.92 -23.00 -19.63
CA ASP B 15 -5.09 -22.33 -20.92
C ASP B 15 -4.07 -21.18 -21.04
N LEU B 16 -4.18 -20.40 -22.10
CA LEU B 16 -3.25 -19.30 -22.36
C LEU B 16 -3.25 -18.20 -21.32
N PRO B 17 -4.44 -17.68 -20.96
CA PRO B 17 -4.48 -16.61 -19.97
C PRO B 17 -3.83 -17.01 -18.64
N SER B 18 -4.07 -18.25 -18.21
CA SER B 18 -3.50 -18.71 -16.95
C SER B 18 -2.04 -19.10 -17.09
N SER B 19 -1.61 -19.39 -18.31
CA SER B 19 -0.22 -19.72 -18.51
C SER B 19 0.55 -18.42 -18.29
N PHE B 20 -0.06 -17.31 -18.69
CA PHE B 20 0.56 -16.00 -18.53
C PHE B 20 0.85 -15.67 -17.06
N THR B 21 -0.19 -15.72 -16.23
CA THR B 21 -0.03 -15.44 -14.79
C THR B 21 0.67 -16.59 -14.07
N GLY B 22 0.48 -17.82 -14.56
CA GLY B 22 1.12 -18.96 -13.93
C GLY B 22 2.64 -18.93 -14.00
N TYR B 23 3.17 -18.10 -14.90
CA TYR B 23 4.61 -17.99 -15.07
C TYR B 23 5.26 -17.33 -13.86
N PHE B 24 4.53 -16.42 -13.23
CA PHE B 24 5.03 -15.67 -12.08
C PHE B 24 5.03 -16.40 -10.73
N LYS B 25 4.33 -17.52 -10.63
CA LYS B 25 4.25 -18.24 -9.37
C LYS B 25 5.59 -18.92 -9.05
N LYS B 26 6.48 -18.89 -10.02
CA LYS B 26 7.81 -19.46 -9.92
C LYS B 26 8.77 -18.53 -9.18
N PHE B 27 8.35 -17.29 -8.91
CA PHE B 27 9.20 -16.32 -8.21
C PHE B 27 8.61 -15.96 -6.85
N ASN B 28 9.45 -15.73 -5.85
CA ASN B 28 8.89 -15.38 -4.54
C ASN B 28 8.46 -13.93 -4.48
N THR B 29 7.41 -13.67 -3.71
CA THR B 29 6.82 -12.35 -3.54
C THR B 29 7.77 -11.16 -3.52
N GLY B 30 8.88 -11.30 -2.81
CA GLY B 30 9.84 -10.20 -2.75
C GLY B 30 10.58 -9.98 -4.05
N ARG B 31 10.30 -10.82 -5.05
CA ARG B 31 10.99 -10.70 -6.32
C ARG B 31 10.13 -10.39 -7.55
N LYS B 32 8.83 -10.20 -7.34
CA LYS B 32 7.93 -9.90 -8.44
C LYS B 32 8.06 -8.45 -8.86
N ILE B 33 8.03 -8.20 -10.16
CA ILE B 33 8.17 -6.83 -10.64
C ILE B 33 6.83 -6.25 -11.06
N ILE B 34 5.77 -6.99 -10.79
CA ILE B 34 4.43 -6.56 -11.13
C ILE B 34 3.48 -7.11 -10.04
N SER B 35 2.45 -6.36 -9.69
CA SER B 35 1.50 -6.76 -8.63
C SER B 35 0.42 -7.75 -9.05
N GLN B 36 -0.11 -8.46 -8.06
CA GLN B 36 -1.17 -9.44 -8.30
C GLN B 36 -2.39 -8.78 -8.90
N GLU B 37 -2.69 -7.58 -8.43
CA GLU B 37 -3.87 -6.86 -8.93
C GLU B 37 -3.76 -6.67 -10.43
N ILE B 38 -2.59 -6.23 -10.87
CA ILE B 38 -2.35 -5.97 -12.29
C ILE B 38 -2.28 -7.25 -13.12
N LEU B 39 -1.74 -8.32 -12.54
CA LEU B 39 -1.65 -9.60 -13.24
C LEU B 39 -3.05 -10.16 -13.45
N ASN B 40 -3.90 -10.06 -12.42
CA ASN B 40 -5.28 -10.53 -12.52
C ASN B 40 -6.01 -9.68 -13.56
N LEU B 41 -5.72 -8.38 -13.57
CA LEU B 41 -6.35 -7.48 -14.53
C LEU B 41 -5.94 -7.84 -15.94
N ILE B 42 -4.66 -8.13 -16.15
CA ILE B 42 -4.20 -8.50 -17.48
C ILE B 42 -4.84 -9.81 -17.88
N GLU B 43 -4.88 -10.77 -16.95
CA GLU B 43 -5.49 -12.06 -17.25
C GLU B 43 -6.95 -11.83 -17.64
N LEU B 44 -7.63 -10.98 -16.87
CA LEU B 44 -9.03 -10.67 -17.13
C LEU B 44 -9.20 -10.18 -18.56
N ARG B 45 -8.42 -9.16 -18.92
CA ARG B 45 -8.50 -8.60 -20.25
C ARG B 45 -8.21 -9.66 -21.30
N MET B 46 -7.33 -10.60 -20.98
CA MET B 46 -6.99 -11.67 -21.90
C MET B 46 -8.16 -12.62 -22.11
N ARG B 47 -8.93 -12.88 -21.04
CA ARG B 47 -10.07 -13.78 -21.14
C ARG B 47 -11.24 -13.15 -21.88
N LYS B 48 -11.25 -11.82 -21.93
CA LYS B 48 -12.31 -11.08 -22.61
C LYS B 48 -11.97 -10.76 -24.07
N GLY B 49 -10.82 -11.21 -24.55
CA GLY B 49 -10.44 -10.89 -25.91
C GLY B 49 -9.97 -9.44 -25.95
N ASN B 50 -10.21 -8.72 -27.06
CA ASN B 50 -9.78 -7.33 -27.18
C ASN B 50 -8.30 -7.21 -26.83
N ILE B 51 -7.49 -7.44 -27.85
CA ILE B 51 -6.05 -7.39 -27.76
C ILE B 51 -5.49 -6.03 -27.33
N GLN B 52 -6.14 -4.95 -27.74
CA GLN B 52 -5.67 -3.61 -27.41
C GLN B 52 -5.60 -3.33 -25.90
N LEU B 53 -6.67 -3.57 -25.17
CA LEU B 53 -6.69 -3.32 -23.73
C LEU B 53 -5.69 -4.20 -22.99
N THR B 54 -5.47 -5.40 -23.50
CA THR B 54 -4.52 -6.32 -22.88
C THR B 54 -3.09 -5.82 -23.06
N ASN B 55 -2.72 -5.52 -24.31
CA ASN B 55 -1.39 -5.06 -24.60
C ASN B 55 -1.13 -3.72 -23.90
N SER B 56 -2.18 -2.93 -23.76
CA SER B 56 -2.12 -1.61 -23.13
C SER B 56 -1.80 -1.69 -21.65
N ALA B 57 -2.38 -2.68 -20.98
CA ALA B 57 -2.14 -2.88 -19.56
C ALA B 57 -0.68 -3.31 -19.36
N ILE B 58 -0.23 -4.31 -20.12
CA ILE B 58 1.15 -4.78 -20.01
C ILE B 58 2.12 -3.65 -20.32
N SER B 59 1.84 -2.95 -21.41
CA SER B 59 2.68 -1.85 -21.85
C SER B 59 2.78 -0.75 -20.79
N ASP B 60 1.64 -0.39 -20.19
CA ASP B 60 1.63 0.65 -19.16
C ASP B 60 2.48 0.21 -17.96
N ALA B 61 2.39 -1.07 -17.62
CA ALA B 61 3.16 -1.60 -16.50
C ALA B 61 4.66 -1.47 -16.78
N LEU B 62 5.10 -1.89 -17.96
CA LEU B 62 6.52 -1.78 -18.29
C LEU B 62 6.96 -0.32 -18.29
N LYS B 63 6.12 0.57 -18.78
CA LYS B 63 6.47 2.00 -18.82
C LYS B 63 6.68 2.56 -17.42
N GLU B 64 5.81 2.20 -16.50
CA GLU B 64 5.90 2.67 -15.12
C GLU B 64 7.17 2.17 -14.46
N ILE B 65 7.53 0.93 -14.75
CA ILE B 65 8.74 0.31 -14.20
C ILE B 65 9.97 1.07 -14.70
N ASP B 66 10.05 1.22 -16.01
CA ASP B 66 11.18 1.91 -16.64
C ASP B 66 11.37 3.34 -16.19
N SER B 67 10.28 4.09 -16.06
CA SER B 67 10.40 5.49 -15.68
C SER B 67 10.59 5.73 -14.19
N SER B 68 10.54 4.65 -13.40
CA SER B 68 10.70 4.77 -11.95
C SER B 68 12.01 5.43 -11.53
N VAL B 69 11.90 6.51 -10.75
CA VAL B 69 13.06 7.25 -10.27
C VAL B 69 13.25 6.94 -8.79
N LEU B 70 14.49 6.65 -8.41
CA LEU B 70 14.80 6.34 -7.01
C LEU B 70 15.85 7.30 -6.44
N ASN B 71 15.49 7.94 -5.34
CA ASN B 71 16.38 8.87 -4.64
C ASN B 71 16.76 8.30 -3.28
N VAL B 72 18.02 7.92 -3.14
CA VAL B 72 18.50 7.32 -1.90
C VAL B 72 19.35 8.31 -1.11
N ALA B 73 18.92 8.60 0.12
CA ALA B 73 19.64 9.52 0.98
C ALA B 73 20.61 8.76 1.87
N VAL B 74 21.86 9.23 1.89
CA VAL B 74 22.89 8.60 2.71
C VAL B 74 23.41 9.63 3.72
N THR B 75 23.10 9.43 5.00
CA THR B 75 23.55 10.34 6.05
C THR B 75 24.69 9.75 6.87
N GLY B 76 25.52 10.64 7.41
CA GLY B 76 26.64 10.24 8.24
C GLY B 76 27.64 11.36 8.35
N GLU B 77 28.56 11.26 9.30
CA GLU B 77 29.60 12.27 9.48
C GLU B 77 30.64 11.95 8.40
N THR B 78 31.53 12.89 8.11
CA THR B 78 32.55 12.63 7.09
C THR B 78 33.49 11.55 7.65
N GLY B 79 34.16 10.81 6.76
CA GLY B 79 35.05 9.76 7.21
C GLY B 79 34.29 8.56 7.76
N SER B 80 32.97 8.58 7.61
CA SER B 80 32.10 7.50 8.09
C SER B 80 31.97 6.39 7.03
N GLY B 81 32.35 6.70 5.78
CA GLY B 81 32.27 5.71 4.73
C GLY B 81 31.09 5.88 3.79
N LYS B 82 30.50 7.07 3.78
CA LYS B 82 29.37 7.37 2.92
C LYS B 82 29.76 7.33 1.45
N SER B 83 30.89 7.96 1.15
CA SER B 83 31.41 8.03 -0.21
C SER B 83 31.71 6.64 -0.78
N SER B 84 32.36 5.79 0.03
CA SER B 84 32.69 4.45 -0.42
C SER B 84 31.42 3.64 -0.62
N PHE B 85 30.46 3.87 0.27
CA PHE B 85 29.17 3.18 0.21
C PHE B 85 28.47 3.53 -1.11
N ILE B 86 28.43 4.82 -1.43
CA ILE B 86 27.78 5.27 -2.66
C ILE B 86 28.47 4.75 -3.92
N ASN B 87 29.79 4.62 -3.88
CA ASN B 87 30.51 4.13 -5.05
C ASN B 87 30.38 2.62 -5.17
N THR B 88 30.35 1.93 -4.03
CA THR B 88 30.21 0.49 -4.05
C THR B 88 28.89 0.09 -4.72
N LEU B 89 27.81 0.80 -4.39
CA LEU B 89 26.50 0.53 -4.98
C LEU B 89 26.41 0.91 -6.46
N ARG B 90 27.18 1.91 -6.88
CA ARG B 90 27.15 2.36 -8.28
C ARG B 90 28.15 1.60 -9.12
N GLY B 91 28.97 0.78 -8.47
CA GLY B 91 29.99 0.02 -9.19
C GLY B 91 31.09 0.93 -9.68
N ILE B 92 31.48 1.90 -8.87
CA ILE B 92 32.55 2.83 -9.26
C ILE B 92 33.68 2.81 -8.24
N GLY B 93 34.90 2.64 -8.73
CA GLY B 93 36.06 2.63 -7.85
C GLY B 93 36.24 4.04 -7.31
N ASN B 94 36.70 4.15 -6.06
CA ASN B 94 36.88 5.47 -5.45
C ASN B 94 37.88 6.35 -6.19
N GLU B 95 38.63 5.77 -7.11
CA GLU B 95 39.63 6.54 -7.84
C GLU B 95 39.29 6.64 -9.32
N GLU B 96 38.03 6.37 -9.67
CA GLU B 96 37.60 6.46 -11.06
C GLU B 96 36.69 7.66 -11.33
N GLU B 97 36.39 7.87 -12.61
CA GLU B 97 35.53 8.97 -13.02
C GLU B 97 34.15 8.83 -12.40
N GLY B 98 33.58 9.96 -11.98
CA GLY B 98 32.26 9.93 -11.39
C GLY B 98 32.22 9.40 -9.96
N ALA B 99 33.37 8.99 -9.45
CA ALA B 99 33.45 8.48 -8.09
C ALA B 99 33.12 9.61 -7.12
N ALA B 100 32.37 9.30 -6.07
CA ALA B 100 32.03 10.30 -5.08
C ALA B 100 33.26 10.43 -4.19
N LYS B 101 33.60 11.66 -3.81
CA LYS B 101 34.77 11.88 -2.97
C LYS B 101 34.42 12.39 -1.57
N THR B 102 35.27 12.05 -0.61
CA THR B 102 35.08 12.46 0.79
C THR B 102 35.43 13.93 1.00
N THR B 108 31.87 20.56 2.58
CA THR B 108 30.55 20.36 1.97
C THR B 108 29.43 20.77 2.93
N MET B 109 28.67 21.78 2.51
CA MET B 109 27.56 22.30 3.32
C MET B 109 26.21 21.88 2.72
N GLU B 110 26.23 21.41 1.48
CA GLU B 110 24.98 21.01 0.84
C GLU B 110 24.99 19.60 0.27
N ARG B 111 23.79 19.04 0.15
CA ARG B 111 23.62 17.69 -0.37
C ARG B 111 24.18 17.62 -1.78
N HIS B 112 24.55 16.43 -2.21
CA HIS B 112 25.07 16.26 -3.56
C HIS B 112 24.61 14.94 -4.14
N PRO B 113 24.12 14.95 -5.38
CA PRO B 113 23.65 13.73 -6.03
C PRO B 113 24.72 13.00 -6.83
N TYR B 114 24.64 11.68 -6.82
CA TYR B 114 25.55 10.84 -7.59
C TYR B 114 24.65 9.79 -8.21
N LYS B 115 24.50 9.88 -9.53
CA LYS B 115 23.65 8.97 -10.27
C LYS B 115 24.36 7.67 -10.59
N HIS B 116 23.58 6.60 -10.69
CA HIS B 116 24.14 5.32 -11.05
C HIS B 116 24.58 5.48 -12.51
N PRO B 117 25.77 4.95 -12.87
CA PRO B 117 26.33 5.03 -14.23
C PRO B 117 25.56 4.34 -15.37
N ASN B 118 24.88 3.24 -15.07
CA ASN B 118 24.14 2.50 -16.09
C ASN B 118 22.63 2.70 -16.00
N ILE B 119 22.15 2.95 -14.78
CA ILE B 119 20.72 3.18 -14.54
C ILE B 119 20.57 4.57 -13.92
N PRO B 120 20.55 5.61 -14.77
CA PRO B 120 20.42 7.02 -14.39
C PRO B 120 19.29 7.34 -13.42
N ASN B 121 18.21 6.57 -13.46
CA ASN B 121 17.06 6.79 -12.59
C ASN B 121 17.32 6.39 -11.14
N VAL B 122 18.54 5.94 -10.85
CA VAL B 122 18.89 5.56 -9.48
C VAL B 122 19.89 6.61 -9.04
N VAL B 123 19.52 7.42 -8.06
CA VAL B 123 20.39 8.50 -7.60
C VAL B 123 20.65 8.46 -6.11
N PHE B 124 21.93 8.51 -5.73
CA PHE B 124 22.29 8.51 -4.31
C PHE B 124 22.64 9.92 -3.89
N TRP B 125 22.13 10.31 -2.74
CA TRP B 125 22.37 11.64 -2.24
C TRP B 125 23.23 11.67 -1.00
N ASP B 126 24.37 12.35 -1.11
CA ASP B 126 25.28 12.48 0.01
C ASP B 126 24.79 13.69 0.81
N LEU B 127 24.29 13.45 2.02
CA LEU B 127 23.78 14.54 2.86
C LEU B 127 24.78 14.90 3.96
N PRO B 128 25.18 16.18 4.04
CA PRO B 128 26.13 16.69 5.04
C PRO B 128 25.77 16.22 6.44
N GLY B 129 26.76 15.78 7.21
CA GLY B 129 26.51 15.33 8.58
C GLY B 129 26.15 16.47 9.52
N ILE B 130 27.18 17.24 9.94
CA ILE B 130 27.05 18.37 10.87
C ILE B 130 27.65 19.63 10.22
N ASP B 138 17.64 22.06 14.57
CA ASP B 138 17.91 21.22 13.41
C ASP B 138 17.58 21.89 12.08
N THR B 139 16.29 21.93 11.72
CA THR B 139 15.84 22.50 10.44
C THR B 139 16.66 21.86 9.32
N TYR B 140 17.35 20.78 9.69
CA TYR B 140 18.18 20.01 8.79
C TYR B 140 17.21 19.28 7.85
N LEU B 141 16.04 18.94 8.38
CA LEU B 141 15.00 18.23 7.62
C LEU B 141 14.49 19.05 6.44
N GLU B 142 14.31 20.35 6.69
CA GLU B 142 13.82 21.27 5.68
C GLU B 142 14.85 21.60 4.61
N LYS B 143 16.08 21.87 5.05
CA LYS B 143 17.17 22.22 4.16
C LYS B 143 17.63 21.05 3.30
N MET B 144 17.64 19.86 3.89
CA MET B 144 18.07 18.68 3.17
C MET B 144 16.98 18.09 2.26
N LYS B 145 15.78 18.67 2.31
CA LYS B 145 14.66 18.24 1.47
C LYS B 145 14.30 16.76 1.65
N PHE B 146 14.03 16.39 2.90
CA PHE B 146 13.72 15.02 3.26
C PHE B 146 12.56 14.34 2.56
N TYR B 147 11.57 15.11 2.10
CA TYR B 147 10.44 14.53 1.41
C TYR B 147 10.84 14.06 0.00
N GLU B 148 12.07 14.34 -0.39
CA GLU B 148 12.58 13.98 -1.72
C GLU B 148 13.33 12.66 -1.85
N TYR B 149 13.36 11.85 -0.80
CA TYR B 149 14.06 10.56 -0.86
C TYR B 149 13.08 9.44 -0.61
N ASP B 150 13.33 8.30 -1.23
CA ASP B 150 12.46 7.15 -1.07
C ASP B 150 12.79 6.38 0.21
N PHE B 151 14.08 6.30 0.54
CA PHE B 151 14.51 5.67 1.79
C PHE B 151 15.84 6.26 2.23
N PHE B 152 16.24 5.96 3.47
CA PHE B 152 17.46 6.54 4.03
C PHE B 152 18.48 5.55 4.59
N ILE B 153 19.75 5.83 4.30
CA ILE B 153 20.84 5.00 4.82
C ILE B 153 21.51 5.89 5.88
N ILE B 154 21.50 5.42 7.12
CA ILE B 154 22.08 6.16 8.24
C ILE B 154 23.37 5.45 8.64
N ILE B 155 24.48 5.94 8.09
CA ILE B 155 25.79 5.37 8.34
C ILE B 155 26.53 5.92 9.56
N SER B 156 27.23 5.01 10.24
CA SER B 156 28.05 5.31 11.41
C SER B 156 29.20 4.31 11.44
N ALA B 157 30.42 4.83 11.64
CA ALA B 157 31.61 3.97 11.70
C ALA B 157 31.98 3.65 13.15
N THR B 158 31.04 3.89 14.07
CA THR B 158 31.26 3.62 15.49
C THR B 158 30.08 2.91 16.16
N ARG B 159 29.17 3.67 16.75
CA ARG B 159 28.02 3.09 17.43
C ARG B 159 26.82 4.02 17.36
N PHE B 160 26.80 4.90 16.37
CA PHE B 160 25.72 5.87 16.19
C PHE B 160 25.67 6.85 17.35
N LYS B 161 24.84 7.88 17.20
CA LYS B 161 24.68 8.89 18.24
C LYS B 161 23.22 9.32 18.28
N LYS B 162 22.87 10.17 19.24
CA LYS B 162 21.49 10.61 19.37
C LYS B 162 20.93 11.23 18.09
N ASN B 163 21.70 12.10 17.44
CA ASN B 163 21.26 12.73 16.21
C ASN B 163 20.71 11.72 15.21
N ASP B 164 21.47 10.65 14.95
CA ASP B 164 21.03 9.62 14.01
C ASP B 164 19.68 9.10 14.44
N ILE B 165 19.49 8.94 15.75
CA ILE B 165 18.22 8.41 16.22
C ILE B 165 17.10 9.42 16.03
N ASP B 166 17.44 10.71 16.05
CA ASP B 166 16.44 11.74 15.84
C ASP B 166 16.09 11.72 14.35
N ILE B 167 17.10 11.53 13.51
CA ILE B 167 16.88 11.48 12.08
C ILE B 167 15.92 10.34 11.78
N ALA B 168 16.17 9.19 12.38
CA ALA B 168 15.33 8.02 12.18
C ALA B 168 13.89 8.35 12.57
N LYS B 169 13.72 8.87 13.79
CA LYS B 169 12.39 9.23 14.28
C LYS B 169 11.65 10.12 13.30
N ALA B 170 12.34 11.10 12.73
CA ALA B 170 11.74 12.00 11.77
C ALA B 170 11.36 11.22 10.52
N ILE B 171 12.21 10.28 10.13
CA ILE B 171 11.98 9.47 8.95
C ILE B 171 10.78 8.53 9.06
N SER B 172 10.72 7.74 10.13
CA SER B 172 9.57 6.84 10.27
C SER B 172 8.30 7.66 10.38
N MET B 173 8.45 8.83 10.99
CA MET B 173 7.33 9.76 11.18
C MET B 173 6.72 10.12 9.81
N MET B 174 7.54 10.10 8.76
CA MET B 174 7.02 10.40 7.43
C MET B 174 6.80 9.13 6.60
N LYS B 175 6.64 8.01 7.29
CA LYS B 175 6.38 6.73 6.63
C LYS B 175 7.42 6.27 5.61
N LYS B 176 8.68 6.63 5.82
CA LYS B 176 9.74 6.21 4.92
C LYS B 176 10.68 5.26 5.64
N GLU B 177 11.30 4.35 4.89
CA GLU B 177 12.22 3.37 5.47
C GLU B 177 13.60 3.97 5.73
N PHE B 178 14.24 3.51 6.80
CA PHE B 178 15.60 3.94 7.14
C PHE B 178 16.36 2.68 7.52
N TYR B 179 17.67 2.67 7.31
CA TYR B 179 18.46 1.50 7.66
C TYR B 179 19.75 1.94 8.34
N PHE B 180 19.95 1.47 9.58
CA PHE B 180 21.17 1.80 10.33
C PHE B 180 22.29 0.93 9.79
N VAL B 181 23.33 1.58 9.28
CA VAL B 181 24.48 0.89 8.69
C VAL B 181 25.81 1.19 9.42
N ARG B 182 26.39 0.15 10.03
CA ARG B 182 27.65 0.25 10.75
C ARG B 182 28.78 -0.14 9.79
N THR B 183 29.51 0.87 9.31
CA THR B 183 30.60 0.67 8.37
C THR B 183 31.98 0.39 9.01
N LYS B 184 32.96 0.15 8.15
CA LYS B 184 34.35 -0.10 8.51
C LYS B 184 34.59 -1.12 9.62
N VAL B 185 33.68 -2.09 9.75
CA VAL B 185 33.83 -3.12 10.77
C VAL B 185 35.15 -3.85 10.59
N ASP B 186 35.61 -3.93 9.34
CA ASP B 186 36.87 -4.59 9.03
C ASP B 186 38.01 -3.93 9.79
N SER B 187 37.94 -2.61 9.92
CA SER B 187 38.97 -1.85 10.61
C SER B 187 39.06 -2.28 12.07
N ASP B 188 37.91 -2.39 12.73
CA ASP B 188 37.86 -2.81 14.12
C ASP B 188 38.48 -4.19 14.28
N ILE B 189 38.18 -5.08 13.32
CA ILE B 189 38.72 -6.43 13.35
C ILE B 189 40.23 -6.37 13.17
N THR B 190 40.69 -5.34 12.46
CA THR B 190 42.12 -5.16 12.22
C THR B 190 42.75 -4.61 13.51
N ASN B 191 42.17 -3.55 14.05
CA ASN B 191 42.68 -2.97 15.29
C ASN B 191 42.46 -4.00 16.40
N GLU B 192 43.52 -4.70 16.79
CA GLU B 192 43.42 -5.70 17.86
C GLU B 192 44.42 -5.43 18.98
N LYS B 202 39.56 -10.54 19.64
CA LYS B 202 39.29 -11.28 18.40
C LYS B 202 37.96 -12.05 18.48
N GLU B 203 37.71 -12.86 17.46
CA GLU B 203 36.49 -13.67 17.37
C GLU B 203 35.23 -12.82 17.17
N LYS B 204 34.56 -12.48 18.27
CA LYS B 204 33.36 -11.69 18.21
C LYS B 204 33.58 -10.24 18.60
N VAL B 205 34.37 -9.55 17.77
CA VAL B 205 34.62 -8.14 17.97
C VAL B 205 33.36 -7.51 17.41
N LEU B 206 32.60 -8.34 16.68
CA LEU B 206 31.34 -7.96 16.05
C LEU B 206 30.20 -7.87 17.06
N GLN B 207 30.21 -8.75 18.05
CA GLN B 207 29.17 -8.74 19.09
C GLN B 207 29.20 -7.42 19.86
N ASP B 208 30.38 -7.01 20.30
CA ASP B 208 30.55 -5.77 21.05
C ASP B 208 30.13 -4.57 20.20
N ILE B 209 30.51 -4.60 18.93
CA ILE B 209 30.16 -3.51 18.02
C ILE B 209 28.64 -3.31 17.98
N ARG B 210 27.89 -4.39 17.76
CA ARG B 210 26.45 -4.24 17.71
C ARG B 210 25.87 -4.11 19.12
N LEU B 211 26.55 -4.70 20.10
CA LEU B 211 26.09 -4.58 21.47
C LEU B 211 26.18 -3.10 21.86
N ASN B 212 27.22 -2.42 21.35
CA ASN B 212 27.40 -1.00 21.61
C ASN B 212 26.37 -0.17 20.86
N CYS B 213 26.00 -0.65 19.68
CA CYS B 213 25.00 0.06 18.87
C CYS B 213 23.65 -0.16 19.54
N VAL B 214 23.35 -1.41 19.90
CA VAL B 214 22.09 -1.73 20.56
C VAL B 214 21.86 -0.84 21.78
N ASN B 215 22.86 -0.77 22.65
CA ASN B 215 22.73 0.05 23.85
C ASN B 215 22.50 1.52 23.52
N THR B 216 23.17 2.00 22.47
CA THR B 216 23.01 3.39 22.06
C THR B 216 21.55 3.67 21.73
N PHE B 217 20.86 2.69 21.16
CA PHE B 217 19.45 2.83 20.80
C PHE B 217 18.55 2.82 22.03
N ARG B 218 18.86 1.94 22.99
CA ARG B 218 18.06 1.83 24.20
C ARG B 218 18.09 3.13 24.99
N GLU B 219 19.29 3.69 25.17
CA GLU B 219 19.43 4.92 25.93
C GLU B 219 18.79 6.10 25.21
N ASN B 220 18.34 5.87 23.98
CA ASN B 220 17.70 6.91 23.19
C ASN B 220 16.27 6.53 22.87
N GLY B 221 15.66 5.79 23.79
CA GLY B 221 14.27 5.37 23.64
C GLY B 221 13.83 4.88 22.27
N ILE B 222 14.18 3.64 21.96
CA ILE B 222 13.79 3.03 20.69
C ILE B 222 14.18 1.56 20.75
N ALA B 223 13.27 0.68 20.34
CA ALA B 223 13.52 -0.76 20.38
C ALA B 223 14.68 -1.17 19.46
N GLU B 224 15.46 -2.15 19.90
CA GLU B 224 16.59 -2.64 19.12
C GLU B 224 16.17 -2.84 17.66
N PRO B 225 16.69 -2.01 16.75
CA PRO B 225 16.34 -2.13 15.34
C PRO B 225 17.37 -2.99 14.61
N PRO B 226 17.04 -3.46 13.40
CA PRO B 226 18.04 -4.27 12.69
C PRO B 226 19.26 -3.38 12.45
N ILE B 227 20.44 -3.98 12.43
CA ILE B 227 21.68 -3.25 12.21
C ILE B 227 22.51 -3.98 11.16
N PHE B 228 23.06 -3.23 10.21
CA PHE B 228 23.86 -3.86 9.15
C PHE B 228 25.33 -3.47 9.22
N LEU B 229 26.15 -4.44 9.63
CA LEU B 229 27.59 -4.20 9.75
C LEU B 229 28.25 -4.46 8.40
N LEU B 230 29.01 -3.47 7.91
CA LEU B 230 29.69 -3.58 6.62
C LEU B 230 31.18 -3.31 6.76
N SER B 231 31.95 -3.77 5.77
CA SER B 231 33.40 -3.54 5.76
C SER B 231 33.77 -2.93 4.42
N ASN B 232 34.86 -2.18 4.39
CA ASN B 232 35.31 -1.55 3.14
C ASN B 232 36.14 -2.55 2.35
N LYS B 233 36.97 -3.30 3.05
CA LYS B 233 37.82 -4.29 2.42
C LYS B 233 37.01 -5.26 1.55
N ASN B 234 36.21 -6.11 2.19
CA ASN B 234 35.39 -7.08 1.47
C ASN B 234 33.90 -6.74 1.51
N VAL B 235 33.47 -5.94 0.53
CA VAL B 235 32.08 -5.49 0.44
C VAL B 235 30.98 -6.56 0.46
N CYS B 236 31.28 -7.79 0.09
CA CYS B 236 30.22 -8.80 0.13
C CYS B 236 30.39 -9.70 1.35
N HIS B 237 30.89 -9.08 2.42
CA HIS B 237 31.10 -9.75 3.69
C HIS B 237 30.06 -9.20 4.67
N TYR B 238 29.88 -9.91 5.79
CA TYR B 238 28.94 -9.50 6.82
C TYR B 238 27.51 -9.26 6.36
N ASP B 239 26.94 -8.10 6.70
CA ASP B 239 25.56 -7.85 6.35
C ASP B 239 25.24 -7.13 5.04
N PHE B 240 26.22 -6.91 4.19
CA PHE B 240 25.95 -6.22 2.94
C PHE B 240 24.94 -6.97 2.05
N PRO B 241 25.11 -8.29 1.91
CA PRO B 241 24.15 -9.03 1.08
C PRO B 241 22.72 -8.92 1.61
N VAL B 242 22.58 -9.09 2.93
CA VAL B 242 21.25 -9.02 3.55
C VAL B 242 20.67 -7.62 3.41
N LEU B 243 21.51 -6.60 3.57
CA LEU B 243 21.02 -5.23 3.45
C LEU B 243 20.44 -5.00 2.05
N MET B 244 21.14 -5.49 1.03
CA MET B 244 20.70 -5.34 -0.35
C MET B 244 19.39 -6.05 -0.64
N ASP B 245 19.20 -7.25 -0.08
CA ASP B 245 17.95 -7.96 -0.33
C ASP B 245 16.81 -7.20 0.32
N LYS B 246 17.10 -6.61 1.48
CA LYS B 246 16.09 -5.85 2.21
C LYS B 246 15.66 -4.58 1.46
N LEU B 247 16.62 -3.81 0.96
CA LEU B 247 16.29 -2.58 0.24
C LEU B 247 15.28 -2.89 -0.86
N ILE B 248 15.54 -3.98 -1.59
CA ILE B 248 14.68 -4.40 -2.67
C ILE B 248 13.29 -4.86 -2.23
N SER B 249 13.20 -5.77 -1.26
CA SER B 249 11.90 -6.25 -0.83
C SER B 249 11.02 -5.17 -0.22
N ASP B 250 11.62 -4.22 0.50
CA ASP B 250 10.87 -3.11 1.12
C ASP B 250 10.37 -2.05 0.12
N LEU B 251 10.92 -2.08 -1.09
CA LEU B 251 10.56 -1.13 -2.13
C LEU B 251 9.17 -1.40 -2.73
N PRO B 252 8.44 -0.34 -3.15
CA PRO B 252 7.14 -0.68 -3.72
C PRO B 252 7.48 -1.53 -4.95
N ILE B 253 6.66 -2.52 -5.24
CA ILE B 253 6.88 -3.43 -6.37
C ILE B 253 7.39 -2.79 -7.67
N TYR B 254 6.73 -1.75 -8.18
CA TYR B 254 7.13 -1.14 -9.45
C TYR B 254 8.52 -0.49 -9.44
N LYS B 255 9.02 -0.15 -8.26
CA LYS B 255 10.32 0.48 -8.16
C LYS B 255 11.48 -0.52 -8.09
N ARG B 256 11.17 -1.78 -7.82
CA ARG B 256 12.18 -2.83 -7.67
C ARG B 256 13.13 -3.10 -8.83
N HIS B 257 12.56 -3.28 -10.00
CA HIS B 257 13.31 -3.59 -11.21
C HIS B 257 14.52 -2.69 -11.44
N ASN B 258 14.30 -1.38 -11.47
CA ASN B 258 15.40 -0.45 -11.72
C ASN B 258 16.52 -0.49 -10.68
N PHE B 259 16.17 -0.63 -9.41
CA PHE B 259 17.22 -0.66 -8.39
C PHE B 259 17.94 -2.00 -8.42
N MET B 260 17.18 -3.08 -8.54
CA MET B 260 17.75 -4.42 -8.56
C MET B 260 18.82 -4.55 -9.63
N VAL B 261 18.44 -4.18 -10.85
CA VAL B 261 19.27 -4.23 -12.02
C VAL B 261 20.53 -3.35 -11.86
N SER B 262 20.46 -2.36 -11.00
CA SER B 262 21.59 -1.46 -10.77
C SER B 262 22.55 -1.95 -9.68
N LEU B 263 22.15 -2.95 -8.91
CA LEU B 263 23.01 -3.41 -7.84
C LEU B 263 24.33 -3.99 -8.33
N PRO B 264 25.38 -3.91 -7.49
CA PRO B 264 26.67 -4.45 -7.89
C PRO B 264 26.62 -5.98 -7.94
N ASN B 265 27.31 -6.55 -8.92
CA ASN B 265 27.32 -8.00 -9.12
C ASN B 265 28.35 -8.65 -8.21
N ILE B 266 28.12 -8.53 -6.90
CA ILE B 266 29.04 -9.04 -5.89
C ILE B 266 28.95 -10.52 -5.58
N THR B 267 27.78 -11.12 -5.81
CA THR B 267 27.61 -12.53 -5.52
C THR B 267 26.73 -13.24 -6.55
N ASP B 268 26.83 -14.57 -6.58
CA ASP B 268 26.03 -15.38 -7.49
C ASP B 268 24.55 -15.16 -7.18
N SER B 269 24.26 -14.88 -5.91
CA SER B 269 22.88 -14.65 -5.47
C SER B 269 22.29 -13.37 -6.09
N VAL B 270 23.07 -12.29 -6.10
CA VAL B 270 22.60 -11.04 -6.68
C VAL B 270 22.43 -11.23 -8.19
N ILE B 271 23.40 -11.89 -8.81
CA ILE B 271 23.40 -12.15 -10.24
C ILE B 271 22.19 -12.99 -10.66
N GLU B 272 21.88 -14.04 -9.89
CA GLU B 272 20.75 -14.88 -10.25
C GLU B 272 19.42 -14.15 -10.00
N LYS B 273 19.43 -13.20 -9.07
CA LYS B 273 18.21 -12.47 -8.77
C LYS B 273 17.88 -11.54 -9.92
N LYS B 274 18.92 -10.98 -10.54
CA LYS B 274 18.74 -10.10 -11.68
C LYS B 274 18.16 -10.88 -12.85
N ARG B 275 18.64 -12.11 -13.04
CA ARG B 275 18.13 -12.97 -14.12
C ARG B 275 16.63 -13.24 -13.90
N GLN B 276 16.26 -13.49 -12.65
CA GLN B 276 14.87 -13.78 -12.35
C GLN B 276 13.99 -12.58 -12.66
N PHE B 277 14.49 -11.39 -12.34
CA PHE B 277 13.76 -10.16 -12.60
C PHE B 277 13.59 -9.92 -14.10
N LEU B 278 14.68 -10.09 -14.85
CA LEU B 278 14.64 -9.86 -16.30
C LEU B 278 13.86 -10.93 -17.05
N LYS B 279 13.76 -12.14 -16.47
CA LYS B 279 12.98 -13.20 -17.11
C LYS B 279 11.51 -12.77 -17.08
N GLN B 280 11.11 -12.12 -15.99
CA GLN B 280 9.74 -11.65 -15.87
C GLN B 280 9.50 -10.53 -16.88
N ARG B 281 10.51 -9.70 -17.13
CA ARG B 281 10.36 -8.61 -18.08
C ARG B 281 10.22 -9.11 -19.51
N ILE B 282 11.04 -10.10 -19.87
CA ILE B 282 10.98 -10.66 -21.22
C ILE B 282 9.58 -11.26 -21.46
N TRP B 283 9.04 -11.89 -20.43
CA TRP B 283 7.73 -12.52 -20.50
C TRP B 283 6.68 -11.46 -20.78
N LEU B 284 6.77 -10.33 -20.09
CA LEU B 284 5.81 -9.24 -20.30
C LEU B 284 5.91 -8.65 -21.70
N GLU B 285 7.13 -8.39 -22.17
CA GLU B 285 7.32 -7.82 -23.50
C GLU B 285 6.87 -8.85 -24.53
N GLY B 286 7.00 -10.13 -24.17
CA GLY B 286 6.64 -11.20 -25.07
C GLY B 286 5.16 -11.22 -25.38
N PHE B 287 4.35 -11.18 -24.33
CA PHE B 287 2.90 -11.17 -24.51
C PHE B 287 2.41 -9.83 -25.03
N ALA B 288 3.15 -8.77 -24.72
CA ALA B 288 2.76 -7.45 -25.20
C ALA B 288 2.90 -7.36 -26.71
N ALA B 289 3.81 -8.14 -27.27
CA ALA B 289 3.99 -8.11 -28.72
C ALA B 289 3.05 -9.10 -29.43
N ASP B 290 2.21 -9.78 -28.65
CA ASP B 290 1.24 -10.75 -29.17
C ASP B 290 1.88 -12.12 -29.41
N LEU B 291 1.19 -13.19 -29.01
CA LEU B 291 1.71 -14.53 -29.23
C LEU B 291 1.60 -14.84 -30.73
N VAL B 292 1.95 -16.06 -31.10
CA VAL B 292 1.90 -16.41 -32.51
C VAL B 292 1.74 -17.93 -32.59
N ASN B 293 1.29 -18.46 -33.72
CA ASN B 293 1.11 -19.91 -33.88
C ASN B 293 2.17 -20.43 -34.83
N ILE B 294 3.20 -19.62 -35.01
CA ILE B 294 4.31 -19.93 -35.90
C ILE B 294 5.52 -20.41 -35.09
N ILE B 295 6.06 -21.56 -35.47
CA ILE B 295 7.23 -22.13 -34.81
C ILE B 295 8.42 -21.19 -35.01
N PRO B 296 9.25 -21.01 -33.95
CA PRO B 296 10.43 -20.13 -34.05
C PRO B 296 11.42 -20.71 -35.05
N SER B 297 11.80 -19.93 -36.06
CA SER B 297 12.75 -20.43 -37.05
C SER B 297 13.88 -19.45 -37.35
N LEU B 298 13.50 -18.21 -37.65
CA LEU B 298 14.47 -17.17 -37.96
C LEU B 298 15.19 -17.47 -39.29
N THR B 299 14.42 -17.85 -40.31
CA THR B 299 15.00 -18.12 -41.63
C THR B 299 15.16 -16.75 -42.29
N PHE B 300 14.69 -15.74 -41.55
CA PHE B 300 14.74 -14.36 -41.99
C PHE B 300 14.74 -13.48 -40.74
N LEU B 301 15.42 -12.34 -40.81
CA LEU B 301 15.50 -11.42 -39.68
C LEU B 301 15.47 -9.95 -40.12
N LEU B 302 14.41 -9.25 -39.75
CA LEU B 302 14.27 -7.83 -40.07
C LEU B 302 15.36 -7.06 -39.33
N ASP B 303 15.93 -6.06 -39.99
CA ASP B 303 16.97 -5.25 -39.36
C ASP B 303 16.48 -4.56 -38.09
N SER B 304 15.18 -4.25 -38.05
CA SER B 304 14.62 -3.58 -36.88
C SER B 304 14.70 -4.52 -35.69
N ASP B 305 14.40 -5.79 -35.94
CA ASP B 305 14.44 -6.85 -34.93
C ASP B 305 15.88 -7.11 -34.50
N LEU B 306 16.77 -7.24 -35.48
CA LEU B 306 18.16 -7.48 -35.17
C LEU B 306 18.63 -6.32 -34.31
N GLU B 307 18.15 -5.12 -34.63
CA GLU B 307 18.54 -3.93 -33.88
C GLU B 307 18.08 -3.99 -32.43
N THR B 308 16.85 -4.42 -32.20
CA THR B 308 16.37 -4.50 -30.82
C THR B 308 17.13 -5.63 -30.07
N LEU B 309 17.52 -6.68 -30.78
CA LEU B 309 18.27 -7.77 -30.16
C LEU B 309 19.64 -7.26 -29.73
N LYS B 310 20.19 -6.34 -30.52
CA LYS B 310 21.48 -5.75 -30.23
C LYS B 310 21.40 -4.84 -29.03
N LYS B 311 20.32 -4.07 -28.93
CA LYS B 311 20.14 -3.15 -27.80
C LYS B 311 19.96 -3.97 -26.52
N SER B 312 19.19 -5.06 -26.61
CA SER B 312 18.95 -5.91 -25.46
C SER B 312 20.24 -6.51 -24.91
N MET B 313 21.05 -7.08 -25.80
CA MET B 313 22.32 -7.69 -25.40
C MET B 313 23.23 -6.67 -24.74
N LYS B 314 23.15 -5.43 -25.20
CA LYS B 314 23.98 -4.36 -24.65
C LYS B 314 23.46 -4.02 -23.27
N PHE B 315 22.14 -4.07 -23.09
CA PHE B 315 21.55 -3.78 -21.79
C PHE B 315 21.87 -4.91 -20.80
N TYR B 316 21.70 -6.16 -21.24
CA TYR B 316 22.00 -7.30 -20.37
C TYR B 316 23.47 -7.30 -19.96
N ARG B 317 24.38 -7.24 -20.94
CA ARG B 317 25.81 -7.24 -20.62
C ARG B 317 26.18 -6.15 -19.62
N THR B 318 25.74 -4.92 -19.88
CA THR B 318 26.00 -3.81 -19.00
C THR B 318 25.47 -4.09 -17.59
N VAL B 319 24.21 -4.54 -17.52
CA VAL B 319 23.57 -4.85 -16.25
C VAL B 319 24.37 -5.87 -15.45
N PHE B 320 24.89 -6.88 -16.14
CA PHE B 320 25.66 -7.95 -15.49
C PHE B 320 27.16 -7.71 -15.45
N GLY B 321 27.58 -6.51 -15.86
CA GLY B 321 28.99 -6.17 -15.82
C GLY B 321 29.91 -6.99 -16.70
N VAL B 322 29.42 -7.43 -17.85
CA VAL B 322 30.24 -8.20 -18.78
C VAL B 322 30.31 -7.45 -20.11
N ASP B 323 30.08 -6.15 -20.04
CA ASP B 323 30.13 -5.28 -21.21
C ASP B 323 31.59 -4.92 -21.47
N GLU B 324 31.86 -4.35 -22.63
CA GLU B 324 33.22 -3.98 -23.00
C GLU B 324 34.01 -3.15 -22.00
N THR B 325 33.47 -2.02 -21.58
CA THR B 325 34.20 -1.20 -20.64
C THR B 325 34.53 -2.00 -19.38
N SER B 326 33.60 -2.86 -18.96
CA SER B 326 33.82 -3.70 -17.77
C SER B 326 34.91 -4.72 -18.01
N LEU B 327 34.94 -5.29 -19.21
CA LEU B 327 35.95 -6.29 -19.55
C LEU B 327 37.32 -5.64 -19.68
N GLN B 328 37.37 -4.45 -20.26
CA GLN B 328 38.63 -3.76 -20.43
C GLN B 328 39.19 -3.43 -19.04
N ARG B 329 38.31 -2.99 -18.14
CA ARG B 329 38.71 -2.67 -16.78
C ARG B 329 39.32 -3.90 -16.11
N LEU B 330 38.70 -5.07 -16.33
CA LEU B 330 39.23 -6.30 -15.74
C LEU B 330 40.56 -6.63 -16.40
N ALA B 331 40.61 -6.53 -17.73
CA ALA B 331 41.83 -6.81 -18.49
C ALA B 331 42.98 -5.95 -17.97
N ARG B 332 42.68 -4.70 -17.62
CA ARG B 332 43.69 -3.78 -17.10
C ARG B 332 44.11 -4.18 -15.68
N ASP B 333 43.17 -4.68 -14.91
CA ASP B 333 43.46 -5.10 -13.54
C ASP B 333 44.21 -6.42 -13.50
N TRP B 334 44.03 -7.25 -14.53
CA TRP B 334 44.71 -8.54 -14.60
C TRP B 334 45.95 -8.42 -15.49
N GLU B 335 46.17 -7.22 -16.01
CA GLU B 335 47.31 -6.93 -16.86
C GLU B 335 47.38 -7.86 -18.07
N ILE B 336 46.26 -8.04 -18.75
CA ILE B 336 46.21 -8.87 -19.96
C ILE B 336 45.40 -8.13 -21.02
N GLU B 337 45.24 -8.75 -22.19
CA GLU B 337 44.49 -8.11 -23.26
C GLU B 337 43.01 -8.52 -23.23
N VAL B 338 42.13 -7.59 -23.62
CA VAL B 338 40.69 -7.84 -23.62
C VAL B 338 40.25 -9.16 -24.23
N ASP B 339 40.71 -9.45 -25.45
CA ASP B 339 40.32 -10.70 -26.09
C ASP B 339 40.66 -11.90 -25.22
N GLN B 340 41.49 -11.69 -24.21
CA GLN B 340 41.84 -12.74 -23.28
C GLN B 340 40.65 -12.90 -22.33
N VAL B 341 40.18 -11.76 -21.81
CA VAL B 341 39.03 -11.74 -20.92
C VAL B 341 37.81 -12.25 -21.70
N GLU B 342 37.63 -11.72 -22.91
CA GLU B 342 36.51 -12.12 -23.75
C GLU B 342 36.47 -13.62 -23.99
N ALA B 343 37.64 -14.23 -24.20
CA ALA B 343 37.72 -15.67 -24.47
C ALA B 343 37.20 -16.50 -23.29
N MET B 344 37.20 -15.91 -22.10
CA MET B 344 36.74 -16.61 -20.91
C MET B 344 35.23 -16.79 -20.86
N ILE B 345 34.50 -15.90 -21.54
CA ILE B 345 33.05 -15.92 -21.56
C ILE B 345 32.48 -16.08 -22.97
N LYS B 346 31.16 -15.95 -23.11
CA LYS B 346 30.54 -16.13 -24.41
C LYS B 346 29.81 -14.95 -25.06
N SER B 347 29.07 -14.17 -24.27
CA SER B 347 28.31 -13.07 -24.85
C SER B 347 29.01 -12.11 -25.81
N PRO B 348 30.31 -11.88 -25.62
CA PRO B 348 31.02 -10.95 -26.53
C PRO B 348 31.16 -11.44 -27.96
N ALA B 349 30.99 -12.74 -28.17
CA ALA B 349 31.14 -13.33 -29.50
C ALA B 349 29.86 -13.51 -30.30
N VAL B 350 28.74 -13.03 -29.79
CA VAL B 350 27.48 -13.19 -30.51
C VAL B 350 27.30 -12.27 -31.72
N PHE B 351 27.77 -11.04 -31.62
CA PHE B 351 27.62 -10.08 -32.73
C PHE B 351 28.95 -9.81 -33.44
N LYS B 352 29.97 -10.57 -33.04
CA LYS B 352 31.31 -10.47 -33.63
C LYS B 352 31.28 -11.30 -34.91
N PRO B 353 31.65 -10.70 -36.06
CA PRO B 353 31.68 -11.38 -37.37
C PRO B 353 32.66 -12.55 -37.48
N THR B 354 32.22 -13.62 -38.13
CA THR B 354 33.07 -14.79 -38.33
C THR B 354 32.92 -15.28 -39.76
N ASP B 355 33.99 -15.87 -40.30
CA ASP B 355 33.93 -16.38 -41.66
C ASP B 355 33.09 -17.66 -41.73
N GLU B 356 32.84 -18.28 -40.58
CA GLU B 356 32.06 -19.51 -40.54
C GLU B 356 30.56 -19.37 -40.75
N GLU B 357 29.97 -18.29 -40.27
CA GLU B 357 28.52 -18.12 -40.42
C GLU B 357 28.04 -16.67 -40.35
N THR B 358 26.78 -16.46 -40.73
CA THR B 358 26.19 -15.13 -40.70
C THR B 358 25.54 -14.95 -39.32
N ILE B 359 25.18 -13.72 -38.98
CA ILE B 359 24.57 -13.48 -37.69
C ILE B 359 23.21 -14.18 -37.63
N GLN B 360 22.47 -14.14 -38.73
CA GLN B 360 21.15 -14.77 -38.76
C GLN B 360 21.27 -16.28 -38.60
N GLU B 361 22.35 -16.88 -39.12
CA GLU B 361 22.56 -18.32 -38.98
C GLU B 361 22.93 -18.67 -37.55
N ARG B 362 23.65 -17.77 -36.88
CA ARG B 362 24.06 -18.00 -35.50
C ARG B 362 22.83 -17.88 -34.61
N LEU B 363 22.14 -16.75 -34.71
CA LEU B 363 20.93 -16.53 -33.91
C LEU B 363 19.98 -17.70 -34.18
N SER B 364 19.85 -18.05 -35.47
CA SER B 364 18.99 -19.15 -35.87
C SER B 364 19.34 -20.39 -35.07
N ARG B 365 20.64 -20.66 -34.94
CA ARG B 365 21.13 -21.81 -34.19
C ARG B 365 20.83 -21.68 -32.69
N TYR B 366 20.94 -20.46 -32.18
CA TYR B 366 20.67 -20.21 -30.76
C TYR B 366 19.22 -20.53 -30.42
N ILE B 367 18.28 -20.09 -31.26
CA ILE B 367 16.85 -20.36 -31.01
C ILE B 367 16.60 -21.85 -30.98
N GLN B 368 17.32 -22.60 -31.80
CA GLN B 368 17.13 -24.05 -31.84
C GLN B 368 17.64 -24.68 -30.54
N GLU B 369 18.81 -24.24 -30.11
CA GLU B 369 19.39 -24.75 -28.87
C GLU B 369 18.47 -24.46 -27.70
N PHE B 370 18.04 -23.20 -27.58
CA PHE B 370 17.19 -22.82 -26.46
C PHE B 370 15.89 -23.61 -26.37
N CYS B 371 15.12 -23.63 -27.45
CA CYS B 371 13.85 -24.34 -27.42
C CYS B 371 14.02 -25.83 -27.26
N LEU B 372 15.17 -26.34 -27.71
CA LEU B 372 15.45 -27.77 -27.61
C LEU B 372 15.62 -28.12 -26.14
N ALA B 373 16.27 -27.22 -25.39
CA ALA B 373 16.53 -27.43 -23.97
C ALA B 373 15.43 -26.95 -23.02
N ASN B 374 14.70 -25.91 -23.43
CA ASN B 374 13.66 -25.34 -22.57
C ASN B 374 12.22 -25.56 -23.02
N GLY B 375 12.03 -26.01 -24.25
CA GLY B 375 10.67 -26.19 -24.75
C GLY B 375 10.27 -24.81 -25.24
N TYR B 376 9.00 -24.60 -25.53
CA TYR B 376 8.56 -23.29 -26.03
C TYR B 376 7.94 -22.39 -24.97
N LEU B 377 7.93 -22.88 -23.74
CA LEU B 377 7.41 -22.15 -22.59
C LEU B 377 5.90 -21.95 -22.55
N LEU B 378 5.20 -22.32 -23.63
CA LEU B 378 3.76 -22.14 -23.68
C LEU B 378 3.02 -23.43 -24.06
N PRO B 379 1.67 -23.41 -24.01
CA PRO B 379 0.91 -24.61 -24.36
C PRO B 379 1.10 -24.95 -25.83
N LYS B 380 0.95 -26.23 -26.14
CA LYS B 380 1.10 -26.74 -27.50
C LYS B 380 0.47 -25.80 -28.53
N ASN B 381 1.23 -25.55 -29.60
CA ASN B 381 0.78 -24.70 -30.70
C ASN B 381 0.79 -23.19 -30.46
N SER B 382 1.32 -22.75 -29.32
CA SER B 382 1.43 -21.32 -29.03
C SER B 382 2.91 -20.99 -28.89
N PHE B 383 3.31 -19.84 -29.41
CA PHE B 383 4.71 -19.42 -29.33
C PHE B 383 4.90 -17.92 -29.15
N LEU B 384 6.04 -17.55 -28.59
CA LEU B 384 6.41 -16.16 -28.44
C LEU B 384 7.06 -15.86 -29.79
N LYS B 385 7.18 -14.59 -30.16
CA LYS B 385 7.83 -14.28 -31.41
C LYS B 385 9.28 -14.69 -31.17
N GLU B 386 9.93 -15.17 -32.23
CA GLU B 386 11.30 -15.65 -32.14
C GLU B 386 12.26 -14.77 -31.34
N ILE B 387 12.11 -13.46 -31.50
CA ILE B 387 12.96 -12.48 -30.83
C ILE B 387 13.03 -12.63 -29.30
N PHE B 388 11.98 -13.19 -28.70
CA PHE B 388 11.94 -13.35 -27.26
C PHE B 388 12.65 -14.59 -26.74
N TYR B 389 12.66 -15.67 -27.52
CA TYR B 389 13.36 -16.87 -27.09
C TYR B 389 14.85 -16.51 -27.13
N LEU B 390 15.21 -15.63 -28.07
CA LEU B 390 16.59 -15.17 -28.20
C LEU B 390 16.95 -14.31 -26.96
N LYS B 391 16.05 -13.41 -26.57
CA LYS B 391 16.33 -12.58 -25.40
C LYS B 391 16.62 -13.49 -24.21
N TYR B 392 15.79 -14.52 -24.04
CA TYR B 392 15.97 -15.48 -22.95
C TYR B 392 17.33 -16.18 -23.04
N TYR B 393 17.76 -16.47 -24.27
CA TYR B 393 19.05 -17.14 -24.49
C TYR B 393 20.19 -16.20 -24.11
N PHE B 394 20.13 -14.96 -24.56
CA PHE B 394 21.17 -14.00 -24.23
C PHE B 394 21.25 -13.81 -22.71
N LEU B 395 20.10 -13.77 -22.03
CA LEU B 395 20.09 -13.56 -20.58
C LEU B 395 20.78 -14.71 -19.86
N ASP B 396 20.48 -15.94 -20.27
CA ASP B 396 21.13 -17.10 -19.65
C ASP B 396 22.63 -16.99 -19.91
N MET B 397 22.99 -16.49 -21.08
CA MET B 397 24.41 -16.37 -21.44
C MET B 397 25.15 -15.33 -20.58
N VAL B 398 24.64 -14.10 -20.52
CA VAL B 398 25.32 -13.08 -19.73
C VAL B 398 25.31 -13.42 -18.23
N THR B 399 24.24 -14.06 -17.76
CA THR B 399 24.14 -14.45 -16.35
C THR B 399 25.29 -15.43 -16.04
N GLU B 400 25.47 -16.43 -16.90
CA GLU B 400 26.54 -17.40 -16.71
C GLU B 400 27.92 -16.76 -16.89
N ASP B 401 28.02 -15.77 -17.76
CA ASP B 401 29.31 -15.09 -17.93
C ASP B 401 29.65 -14.33 -16.65
N ALA B 402 28.63 -13.73 -16.04
CA ALA B 402 28.84 -12.97 -14.81
C ALA B 402 29.41 -13.85 -13.72
N LYS B 403 28.77 -15.00 -13.51
CA LYS B 403 29.23 -15.93 -12.50
C LYS B 403 30.63 -16.44 -12.86
N THR B 404 30.87 -16.67 -14.15
CA THR B 404 32.18 -17.15 -14.59
C THR B 404 33.29 -16.19 -14.20
N LEU B 405 33.06 -14.89 -14.40
CA LEU B 405 34.08 -13.91 -14.07
C LEU B 405 34.22 -13.67 -12.57
N LEU B 406 33.08 -13.62 -11.86
CA LEU B 406 33.12 -13.40 -10.42
C LEU B 406 34.02 -14.45 -9.77
N LYS B 407 33.96 -15.67 -10.30
CA LYS B 407 34.75 -16.79 -9.82
C LYS B 407 36.25 -16.59 -10.08
N GLU B 408 36.59 -15.90 -11.17
CA GLU B 408 37.98 -15.64 -11.50
C GLU B 408 38.47 -14.43 -10.69
N ILE B 409 37.59 -13.48 -10.44
CA ILE B 409 37.98 -12.31 -9.66
C ILE B 409 38.29 -12.75 -8.24
N CYS B 410 37.39 -13.56 -7.69
CA CYS B 410 37.54 -14.07 -6.33
C CYS B 410 38.61 -15.14 -6.24
N LEU B 411 39.12 -15.58 -7.39
CA LEU B 411 40.16 -16.59 -7.41
C LEU B 411 41.48 -15.87 -7.23
N ARG B 412 41.78 -14.98 -8.17
CA ARG B 412 43.01 -14.21 -8.11
C ARG B 412 43.07 -13.42 -6.80
N ASN B 413 41.97 -12.75 -6.44
CA ASN B 413 41.92 -11.97 -5.22
C ASN B 413 42.43 -12.73 -3.99
#